data_4KF1
#
_entry.id   4KF1
#
_cell.length_a   86.780
_cell.length_b   103.530
_cell.length_c   151.710
_cell.angle_alpha   90.00
_cell.angle_beta   90.00
_cell.angle_gamma   90.00
#
_symmetry.space_group_name_H-M   'P 21 21 21'
#
loop_
_entity.id
_entity.type
_entity.pdbx_description
1 polymer Aryldialkylphosphatase
2 non-polymer 'COBALT (II) ION'
3 non-polymer 'FE (II) ION'
4 non-polymer (4S)-4-(decanoylamino)-5-hydroxy-3,4-dihydro-2H-thiophenium
5 non-polymer 'TETRAETHYLENE GLYCOL'
6 non-polymer GLYCEROL
7 non-polymer 1,2-ETHANEDIOL
8 water water
#
_entity_poly.entity_id   1
_entity_poly.type   'polypeptide(L)'
_entity_poly.pdbx_seq_one_letter_code
;MRIPLVGKDSIESKDIGFTLIHEHLRVFSEAVRQQWPHLYNEDEEFRNAVNEVKRAMQFGVKTIVDPTVMGLGRDIRFME
KVVKATGINLVAGTGIYIYIDLPFYFLNRSIDEIADLFIHDIKEGIQGTLNKAGFV(KCX)IAADEPGITKDVEKVIRAA
AIANKETKVPIITHSNAHNNTGLEQQRILTEEGVDPGKILIGHLGDTDNIDYIKKIADKGSFIGLDRYGLDLFLPVDKRN
ETTLRLIKDGYSDKIMISHDYCCTIDIGTAKPEYKPKLAPRWSITLIFEDTIPFLKRNGVNEEVIATIFKENPKKFFS
;
_entity_poly.pdbx_strand_id   A,B,C,D
#
# COMPACT_ATOMS: atom_id res chain seq x y z
N MET A 1 23.10 3.81 11.28
CA MET A 1 23.06 2.60 12.15
C MET A 1 23.69 2.87 13.51
N ARG A 2 22.95 2.60 14.57
CA ARG A 2 23.52 2.65 15.91
C ARG A 2 22.57 2.23 17.03
N ILE A 3 21.32 1.90 16.70
CA ILE A 3 20.54 0.99 17.56
C ILE A 3 20.46 -0.42 16.97
N PRO A 4 21.05 -1.40 17.66
CA PRO A 4 20.94 -2.78 17.21
C PRO A 4 19.52 -3.30 17.34
N LEU A 5 19.07 -4.07 16.37
CA LEU A 5 17.76 -4.72 16.44
C LEU A 5 17.90 -6.23 16.39
N VAL A 6 16.97 -6.94 17.03
CA VAL A 6 16.93 -8.40 16.90
C VAL A 6 16.54 -8.81 15.49
N GLY A 7 17.42 -9.59 14.85
CA GLY A 7 17.12 -10.17 13.54
C GLY A 7 17.01 -9.16 12.41
N LYS A 8 17.52 -7.95 12.64
CA LYS A 8 17.53 -6.92 11.60
C LYS A 8 18.87 -6.18 11.60
N ASP A 9 19.16 -5.47 10.51
CA ASP A 9 20.22 -4.46 10.50
C ASP A 9 19.89 -3.35 11.49
N SER A 10 20.93 -2.77 12.08
CA SER A 10 20.74 -1.67 13.04
C SER A 10 20.15 -0.44 12.34
N ILE A 11 19.46 0.40 13.11
CA ILE A 11 18.83 1.60 12.55
C ILE A 11 19.38 2.86 13.21
N GLU A 12 19.27 3.98 12.51
CA GLU A 12 19.49 5.27 13.13
C GLU A 12 18.36 5.62 14.09
N SER A 13 18.69 6.30 15.18
CA SER A 13 17.71 6.62 16.20
C SER A 13 16.55 7.44 15.64
N LYS A 14 16.82 8.22 14.61
CA LYS A 14 15.78 9.03 13.98
C LYS A 14 14.71 8.16 13.32
N ASP A 15 15.03 6.90 13.07
CA ASP A 15 14.10 6.01 12.37
C ASP A 15 13.33 5.08 13.31
N ILE A 16 13.42 5.34 14.61
CA ILE A 16 12.82 4.44 15.60
C ILE A 16 11.30 4.48 15.55
N GLY A 17 10.75 5.64 15.21
CA GLY A 17 9.30 5.80 15.08
C GLY A 17 8.59 5.64 16.41
N PHE A 18 7.29 5.39 16.35
CA PHE A 18 6.48 5.22 17.55
C PHE A 18 6.95 4.00 18.35
N THR A 19 7.31 4.22 19.60
CA THR A 19 8.04 3.22 20.39
C THR A 19 7.28 2.91 21.69
N LEU A 20 7.19 1.63 22.02
CA LEU A 20 6.89 1.21 23.39
C LEU A 20 8.16 0.80 24.13
N ILE A 21 8.51 1.58 25.15
CA ILE A 21 9.86 1.57 25.69
C ILE A 21 10.10 0.44 26.68
N HIS A 22 9.03 -0.21 27.13
CA HIS A 22 9.14 -1.23 28.18
C HIS A 22 8.01 -2.24 28.08
N GLU A 23 8.23 -3.27 27.27
CA GLU A 23 7.32 -4.42 27.20
C GLU A 23 8.11 -5.73 27.15
N HIS A 24 7.49 -6.82 27.60
CA HIS A 24 8.15 -8.13 27.62
C HIS A 24 7.42 -9.13 26.74
N LEU A 25 8.15 -9.72 25.79
CA LEU A 25 7.61 -10.81 24.97
C LEU A 25 7.34 -12.06 25.79
N ARG A 26 8.24 -12.35 26.72
CA ARG A 26 8.12 -13.52 27.59
C ARG A 26 9.03 -13.36 28.80
N VAL A 27 8.50 -13.63 29.99
CA VAL A 27 9.31 -13.66 31.20
C VAL A 27 9.24 -15.03 31.87
N PHE A 28 10.39 -15.56 32.27
CA PHE A 28 10.39 -16.75 33.11
C PHE A 28 11.61 -16.81 34.03
N SER A 29 11.54 -17.65 35.05
CA SER A 29 12.69 -17.94 35.91
C SER A 29 13.59 -19.00 35.28
N GLU A 30 14.82 -18.61 34.96
CA GLU A 30 15.74 -19.47 34.22
C GLU A 30 15.87 -20.86 34.85
N ALA A 31 16.04 -20.90 36.16
CA ALA A 31 16.36 -22.14 36.84
C ALA A 31 15.15 -23.07 36.86
N VAL A 32 13.96 -22.50 36.94
CA VAL A 32 12.74 -23.30 36.98
C VAL A 32 12.45 -23.94 35.63
N ARG A 33 12.53 -23.15 34.57
CA ARG A 33 12.35 -23.66 33.22
C ARG A 33 13.38 -24.74 32.90
N GLN A 34 14.61 -24.51 33.34
CA GLN A 34 15.68 -25.47 33.11
C GLN A 34 15.41 -26.81 33.80
N GLN A 35 14.86 -26.74 35.02
CA GLN A 35 14.74 -27.93 35.86
C GLN A 35 13.41 -28.66 35.65
N TRP A 36 12.37 -27.91 35.31
CA TRP A 36 11.03 -28.46 35.12
C TRP A 36 10.38 -27.96 33.86
N PRO A 37 10.88 -28.41 32.70
CA PRO A 37 10.35 -27.97 31.41
C PRO A 37 8.88 -28.32 31.21
N HIS A 38 8.35 -29.26 32.00
CA HIS A 38 6.96 -29.67 31.85
C HIS A 38 5.99 -28.55 32.19
N LEU A 39 6.50 -27.51 32.83
CA LEU A 39 5.66 -26.41 33.32
C LEU A 39 5.36 -25.41 32.20
N TYR A 40 6.06 -25.54 31.09
CA TYR A 40 6.12 -24.48 30.08
C TYR A 40 5.64 -24.98 28.72
N ASN A 41 5.20 -24.04 27.89
CA ASN A 41 4.65 -24.37 26.57
C ASN A 41 5.08 -23.33 25.54
N GLU A 42 6.14 -23.63 24.80
CA GLU A 42 6.76 -22.64 23.93
C GLU A 42 5.84 -22.23 22.77
N ASP A 43 5.03 -23.17 22.29
CA ASP A 43 4.10 -22.88 21.21
C ASP A 43 3.08 -21.82 21.64
N GLU A 44 2.51 -22.01 22.82
CA GLU A 44 1.59 -21.04 23.38
C GLU A 44 2.26 -19.70 23.62
N GLU A 45 3.48 -19.73 24.14
CA GLU A 45 4.21 -18.49 24.42
C GLU A 45 4.45 -17.69 23.14
N PHE A 46 4.87 -18.40 22.09
CA PHE A 46 5.08 -17.81 20.78
C PHE A 46 3.81 -17.16 20.26
N ARG A 47 2.70 -17.91 20.30
CA ARG A 47 1.42 -17.39 19.81
C ARG A 47 0.97 -16.14 20.54
N ASN A 48 1.09 -16.14 21.86
CA ASN A 48 0.76 -14.97 22.66
C ASN A 48 1.58 -13.75 22.25
N ALA A 49 2.90 -13.92 22.15
CA ALA A 49 3.79 -12.83 21.79
C ALA A 49 3.46 -12.27 20.41
N VAL A 50 3.34 -13.17 19.43
CA VAL A 50 3.07 -12.75 18.05
C VAL A 50 1.76 -11.97 17.96
N ASN A 51 0.70 -12.48 18.60
CA ASN A 51 -0.61 -11.83 18.52
C ASN A 51 -0.62 -10.44 19.15
N GLU A 52 0.04 -10.29 20.30
CA GLU A 52 0.09 -8.99 20.97
C GLU A 52 0.88 -7.98 20.14
N VAL A 53 2.05 -8.38 19.66
CA VAL A 53 2.87 -7.50 18.84
C VAL A 53 2.13 -7.06 17.58
N LYS A 54 1.38 -7.99 16.97
CA LYS A 54 0.61 -7.68 15.77
C LYS A 54 -0.43 -6.60 16.04
N ARG A 55 -1.10 -6.67 17.19
CA ARG A 55 -2.07 -5.64 17.51
C ARG A 55 -1.39 -4.30 17.75
N ALA A 56 -0.27 -4.33 18.48
CA ALA A 56 0.53 -3.12 18.68
C ALA A 56 0.87 -2.46 17.35
N MET A 57 1.30 -3.27 16.39
CA MET A 57 1.68 -2.75 15.08
C MET A 57 0.48 -2.21 14.31
N GLN A 58 -0.68 -2.85 14.45
CA GLN A 58 -1.89 -2.33 13.84
C GLN A 58 -2.20 -0.92 14.33
N PHE A 59 -1.86 -0.65 15.60
CA PHE A 59 -2.17 0.62 16.22
C PHE A 59 -1.02 1.60 16.05
N GLY A 60 -0.01 1.21 15.27
CA GLY A 60 1.01 2.15 14.81
C GLY A 60 2.35 2.05 15.52
N VAL A 61 2.51 1.05 16.38
CA VAL A 61 3.80 0.83 17.04
C VAL A 61 4.85 0.32 16.04
N LYS A 62 5.99 1.00 15.99
CA LYS A 62 7.04 0.62 15.05
C LYS A 62 8.14 -0.17 15.76
N THR A 63 8.43 0.24 16.99
CA THR A 63 9.55 -0.31 17.74
C THR A 63 9.13 -0.67 19.17
N ILE A 64 9.54 -1.86 19.61
CA ILE A 64 9.34 -2.28 20.98
C ILE A 64 10.69 -2.52 21.67
N VAL A 65 10.86 -1.93 22.85
CA VAL A 65 12.05 -2.17 23.66
C VAL A 65 11.73 -3.16 24.77
N ASP A 66 12.47 -4.27 24.80
CA ASP A 66 12.18 -5.39 25.67
C ASP A 66 13.30 -5.59 26.68
N PRO A 67 13.09 -5.14 27.93
CA PRO A 67 14.13 -5.15 28.95
C PRO A 67 14.20 -6.50 29.68
N THR A 68 13.86 -7.58 28.98
CA THR A 68 14.09 -8.92 29.50
C THR A 68 15.58 -9.28 29.49
N VAL A 69 16.15 -9.46 30.67
CA VAL A 69 17.58 -9.76 30.81
C VAL A 69 17.77 -10.93 31.78
N MET A 70 19.00 -11.14 32.26
CA MET A 70 19.27 -12.22 33.19
C MET A 70 18.45 -12.03 34.46
N GLY A 71 17.74 -13.09 34.86
CA GLY A 71 16.82 -13.00 35.99
C GLY A 71 15.37 -12.90 35.53
N LEU A 72 15.16 -12.65 34.25
CA LEU A 72 13.81 -12.57 33.70
C LEU A 72 13.62 -13.54 32.53
N GLY A 73 14.68 -14.27 32.18
CA GLY A 73 14.57 -15.33 31.18
C GLY A 73 14.77 -14.85 29.75
N ARG A 74 15.64 -13.87 29.56
CA ARG A 74 15.98 -13.42 28.19
C ARG A 74 16.32 -14.61 27.31
N ASP A 75 15.76 -14.63 26.10
CA ASP A 75 16.04 -15.69 25.13
C ASP A 75 16.02 -15.10 23.73
N ILE A 76 17.22 -14.85 23.20
CA ILE A 76 17.35 -14.04 22.00
C ILE A 76 16.80 -14.78 20.78
N ARG A 77 16.84 -16.11 20.83
CA ARG A 77 16.35 -16.91 19.71
C ARG A 77 14.83 -16.93 19.64
N PHE A 78 14.17 -16.99 20.80
CA PHE A 78 12.73 -16.78 20.88
C PHE A 78 12.36 -15.41 20.34
N MET A 79 13.13 -14.39 20.73
CA MET A 79 12.91 -13.03 20.24
C MET A 79 13.03 -12.97 18.72
N GLU A 80 14.09 -13.57 18.18
CA GLU A 80 14.24 -13.69 16.73
C GLU A 80 12.97 -14.22 16.09
N LYS A 81 12.44 -15.30 16.64
CA LYS A 81 11.27 -15.96 16.06
C LYS A 81 10.08 -15.00 15.96
N VAL A 82 9.85 -14.23 17.03
CA VAL A 82 8.74 -13.28 17.04
C VAL A 82 8.97 -12.15 16.02
N VAL A 83 10.21 -11.68 15.91
CA VAL A 83 10.54 -10.70 14.89
C VAL A 83 10.23 -11.24 13.49
N LYS A 84 10.64 -12.47 13.22
CA LYS A 84 10.37 -13.09 11.92
C LYS A 84 8.88 -13.15 11.64
N ALA A 85 8.09 -13.42 12.67
CA ALA A 85 6.66 -13.62 12.50
C ALA A 85 5.88 -12.31 12.37
N THR A 86 6.49 -11.21 12.79
CA THR A 86 5.75 -9.95 12.92
C THR A 86 6.35 -8.81 12.09
N GLY A 87 7.67 -8.81 11.96
CA GLY A 87 8.38 -7.68 11.36
C GLY A 87 8.63 -6.47 12.25
N ILE A 88 8.31 -6.61 13.55
CA ILE A 88 8.56 -5.54 14.51
C ILE A 88 10.06 -5.18 14.56
N ASN A 89 10.36 -3.91 14.76
CA ASN A 89 11.65 -3.49 15.32
C ASN A 89 11.73 -3.83 16.80
N LEU A 90 12.68 -4.69 17.17
CA LEU A 90 12.80 -5.14 18.56
C LEU A 90 14.18 -4.81 19.11
N VAL A 91 14.23 -4.03 20.19
CA VAL A 91 15.49 -3.75 20.85
C VAL A 91 15.67 -4.64 22.06
N ALA A 92 16.68 -5.51 22.01
CA ALA A 92 17.04 -6.34 23.14
C ALA A 92 18.10 -5.66 23.99
N GLY A 93 18.16 -6.06 25.26
CA GLY A 93 19.09 -5.44 26.20
C GLY A 93 20.02 -6.46 26.82
N THR A 94 21.01 -5.98 27.55
CA THR A 94 21.73 -6.82 28.49
C THR A 94 21.51 -6.28 29.90
N GLY A 95 22.12 -6.93 30.89
CA GLY A 95 21.98 -6.48 32.26
C GLY A 95 21.67 -7.61 33.21
N ILE A 96 21.37 -7.26 34.46
CA ILE A 96 21.04 -8.24 35.49
C ILE A 96 19.89 -7.70 36.32
N TYR A 97 18.90 -8.56 36.54
CA TYR A 97 17.68 -8.20 37.27
C TYR A 97 17.66 -8.98 38.57
N ILE A 98 18.07 -8.33 39.65
CA ILE A 98 18.01 -8.94 40.99
C ILE A 98 17.41 -7.96 42.00
N TYR A 99 16.84 -8.49 43.08
CA TYR A 99 16.34 -7.65 44.17
C TYR A 99 17.26 -7.66 45.39
N ILE A 100 18.01 -8.74 45.56
CA ILE A 100 18.79 -8.92 46.78
C ILE A 100 20.25 -9.24 46.45
N ASP A 101 20.51 -10.52 46.14
CA ASP A 101 21.87 -11.00 45.92
C ASP A 101 22.05 -11.43 44.46
N LEU A 102 23.30 -11.41 44.01
CA LEU A 102 23.66 -12.00 42.73
C LEU A 102 23.65 -13.52 42.79
N PRO A 103 23.51 -14.18 41.62
CA PRO A 103 23.79 -15.61 41.50
C PRO A 103 25.14 -15.97 42.11
N PHE A 104 25.25 -17.19 42.64
CA PHE A 104 26.47 -17.64 43.30
C PHE A 104 27.69 -17.50 42.39
N TYR A 105 27.49 -17.55 41.08
CA TYR A 105 28.57 -17.34 40.12
C TYR A 105 29.45 -16.16 40.52
N PHE A 106 28.83 -15.09 41.01
CA PHE A 106 29.53 -13.81 41.16
C PHE A 106 30.24 -13.69 42.50
N LEU A 107 30.22 -14.75 43.29
CA LEU A 107 31.08 -14.82 44.48
C LEU A 107 32.53 -14.58 44.13
N ASN A 108 33.16 -13.63 44.83
CA ASN A 108 34.55 -13.27 44.58
C ASN A 108 34.80 -12.89 43.13
N ARG A 109 33.84 -12.20 42.53
CA ARG A 109 34.04 -11.57 41.22
C ARG A 109 33.85 -10.06 41.29
N SER A 110 34.61 -9.34 40.49
CA SER A 110 34.66 -7.87 40.56
C SER A 110 33.48 -7.24 39.81
N ILE A 111 33.21 -5.97 40.13
CA ILE A 111 32.29 -5.17 39.33
C ILE A 111 32.70 -5.16 37.85
N ASP A 112 34.01 -5.13 37.60
CA ASP A 112 34.53 -5.15 36.24
C ASP A 112 34.10 -6.40 35.46
N GLU A 113 34.17 -7.56 36.11
CA GLU A 113 33.75 -8.80 35.48
C GLU A 113 32.28 -8.75 35.07
N ILE A 114 31.47 -8.12 35.91
CA ILE A 114 30.05 -7.95 35.60
C ILE A 114 29.88 -7.07 34.37
N ALA A 115 30.57 -5.94 34.35
CA ALA A 115 30.49 -5.02 33.24
C ALA A 115 30.93 -5.69 31.94
N ASP A 116 31.94 -6.56 32.04
CA ASP A 116 32.45 -7.28 30.86
C ASP A 116 31.35 -8.12 30.22
N LEU A 117 30.45 -8.67 31.03
CA LEU A 117 29.34 -9.46 30.51
C LEU A 117 28.41 -8.57 29.69
N PHE A 118 28.10 -7.39 30.24
CA PHE A 118 27.24 -6.45 29.54
C PHE A 118 27.88 -5.99 28.24
N ILE A 119 29.15 -5.63 28.32
CA ILE A 119 29.91 -5.15 27.16
C ILE A 119 30.05 -6.25 26.10
N HIS A 120 30.19 -7.50 26.54
CA HIS A 120 30.15 -8.63 25.62
C HIS A 120 28.87 -8.65 24.80
N ASP A 121 27.74 -8.50 25.47
CA ASP A 121 26.45 -8.55 24.80
C ASP A 121 26.26 -7.36 23.84
N ILE A 122 26.82 -6.22 24.20
CA ILE A 122 26.68 -5.01 23.40
C ILE A 122 27.59 -5.07 22.16
N LYS A 123 28.83 -5.51 22.35
CA LYS A 123 29.83 -5.41 21.31
C LYS A 123 29.93 -6.69 20.48
N GLU A 124 29.74 -7.84 21.13
CA GLU A 124 29.94 -9.13 20.48
C GLU A 124 28.61 -9.73 20.04
N GLY A 125 27.63 -9.74 20.94
CA GLY A 125 26.33 -10.31 20.65
C GLY A 125 25.80 -11.18 21.78
N ILE A 126 24.53 -11.56 21.69
CA ILE A 126 23.81 -12.15 22.81
C ILE A 126 23.66 -13.65 22.64
N GLN A 127 24.04 -14.39 23.68
CA GLN A 127 23.81 -15.84 23.74
C GLN A 127 24.30 -16.55 22.48
N GLY A 128 25.48 -16.17 22.01
CA GLY A 128 26.14 -16.87 20.90
C GLY A 128 25.63 -16.46 19.54
N THR A 129 24.77 -15.44 19.49
CA THR A 129 24.31 -14.90 18.20
C THR A 129 24.94 -13.55 17.90
N LEU A 130 24.60 -12.98 16.76
CA LEU A 130 25.13 -11.68 16.35
C LEU A 130 24.14 -10.55 16.65
N ASN A 131 23.02 -10.89 17.28
CA ASN A 131 22.12 -9.88 17.83
C ASN A 131 22.75 -9.17 19.01
N LYS A 132 22.84 -7.86 18.94
CA LYS A 132 23.55 -7.10 19.97
C LYS A 132 22.59 -6.33 20.88
N ALA A 133 23.02 -6.09 22.11
CA ALA A 133 22.22 -5.36 23.10
C ALA A 133 22.30 -3.84 22.88
N GLY A 134 21.15 -3.18 22.98
CA GLY A 134 21.08 -1.74 22.71
C GLY A 134 20.94 -0.89 23.96
N PHE A 135 20.92 -1.55 25.11
CA PHE A 135 20.80 -0.87 26.40
C PHE A 135 21.15 -1.85 27.52
N VAL A 136 21.36 -1.32 28.72
CA VAL A 136 21.54 -2.15 29.92
C VAL A 136 20.34 -1.98 30.84
N ILE A 138 18.82 -2.72 34.75
CA ILE A 138 19.16 -3.03 36.13
C ILE A 138 17.93 -2.82 37.00
N ALA A 139 17.96 -3.34 38.22
CA ALA A 139 16.77 -3.36 39.06
C ALA A 139 17.11 -3.07 40.52
N ALA A 140 16.18 -2.43 41.20
CA ALA A 140 16.10 -2.52 42.66
C ALA A 140 14.63 -2.47 43.07
N ASP A 141 14.31 -3.05 44.21
CA ASP A 141 12.94 -3.07 44.68
C ASP A 141 12.88 -2.90 46.20
N GLU A 142 11.98 -3.62 46.84
CA GLU A 142 11.66 -3.40 48.25
C GLU A 142 12.87 -3.50 49.18
N PRO A 143 13.79 -4.45 48.91
CA PRO A 143 14.97 -4.59 49.76
C PRO A 143 15.94 -3.41 49.65
N GLY A 144 15.72 -2.53 48.68
CA GLY A 144 16.53 -1.32 48.56
C GLY A 144 17.84 -1.57 47.84
N ILE A 145 18.78 -0.65 47.98
CA ILE A 145 20.06 -0.74 47.28
C ILE A 145 21.02 -1.63 48.08
N THR A 146 20.89 -2.95 47.92
CA THR A 146 21.78 -3.88 48.60
C THR A 146 23.17 -3.82 48.00
N LYS A 147 24.11 -4.47 48.66
CA LYS A 147 25.49 -4.53 48.17
C LYS A 147 25.55 -5.03 46.72
N ASP A 148 24.87 -6.13 46.43
CA ASP A 148 24.92 -6.73 45.10
C ASP A 148 24.15 -5.89 44.07
N VAL A 149 23.03 -5.32 44.51
CA VAL A 149 22.25 -4.44 43.63
C VAL A 149 23.12 -3.26 43.23
N GLU A 150 23.83 -2.69 44.21
CA GLU A 150 24.75 -1.58 43.96
C GLU A 150 25.85 -1.96 42.98
N LYS A 151 26.39 -3.18 43.12
CA LYS A 151 27.43 -3.65 42.22
C LYS A 151 26.97 -3.64 40.77
N VAL A 152 25.74 -4.10 40.53
CA VAL A 152 25.18 -4.18 39.20
C VAL A 152 24.96 -2.78 38.62
N ILE A 153 24.48 -1.87 39.45
CA ILE A 153 24.30 -0.48 39.04
C ILE A 153 25.61 0.13 38.55
N ARG A 154 26.68 -0.13 39.29
CA ARG A 154 27.98 0.43 38.94
C ARG A 154 28.54 -0.23 37.68
N ALA A 155 28.29 -1.53 37.52
CA ALA A 155 28.64 -2.23 36.28
C ALA A 155 27.92 -1.67 35.06
N ALA A 156 26.64 -1.31 35.25
CA ALA A 156 25.88 -0.67 34.19
C ALA A 156 26.51 0.67 33.77
N ALA A 157 26.98 1.42 34.75
CA ALA A 157 27.65 2.70 34.47
C ALA A 157 28.91 2.50 33.63
N ILE A 158 29.71 1.50 33.99
CA ILE A 158 30.89 1.15 33.20
C ILE A 158 30.51 0.84 31.75
N ALA A 159 29.47 0.04 31.58
CA ALA A 159 28.99 -0.34 30.26
C ALA A 159 28.52 0.85 29.43
N ASN A 160 27.71 1.72 30.05
CA ASN A 160 27.27 2.94 29.37
C ASN A 160 28.44 3.85 28.98
N LYS A 161 29.36 4.06 29.91
CA LYS A 161 30.48 4.95 29.65
C LYS A 161 31.36 4.41 28.52
N GLU A 162 31.46 3.09 28.44
CA GLU A 162 32.28 2.44 27.42
C GLU A 162 31.59 2.39 26.05
N THR A 163 30.28 2.16 26.04
CA THR A 163 29.58 1.85 24.80
C THR A 163 28.50 2.89 24.43
N LYS A 164 28.15 3.74 25.40
CA LYS A 164 27.19 4.82 25.17
C LYS A 164 25.73 4.35 25.02
N VAL A 165 25.47 3.06 25.20
CA VAL A 165 24.09 2.60 25.25
C VAL A 165 23.41 3.13 26.51
N PRO A 166 22.09 3.37 26.44
CA PRO A 166 21.34 3.90 27.58
C PRO A 166 21.06 2.85 28.64
N ILE A 167 20.57 3.30 29.80
CA ILE A 167 20.24 2.40 30.89
C ILE A 167 18.76 2.55 31.22
N ILE A 168 18.06 1.41 31.28
CA ILE A 168 16.69 1.36 31.77
C ILE A 168 16.69 0.73 33.16
N THR A 169 15.97 1.32 34.11
CA THR A 169 15.90 0.72 35.43
C THR A 169 14.51 0.20 35.78
N HIS A 170 14.51 -0.81 36.64
CA HIS A 170 13.37 -1.19 37.44
C HIS A 170 13.55 -0.62 38.83
N SER A 171 12.53 0.06 39.35
CA SER A 171 12.57 0.52 40.73
C SER A 171 11.24 0.31 41.44
N ASN A 172 11.25 0.46 42.75
CA ASN A 172 10.04 0.50 43.55
C ASN A 172 9.69 1.95 43.87
N ALA A 173 8.50 2.36 43.45
CA ALA A 173 8.17 3.80 43.42
C ALA A 173 8.04 4.37 44.82
N HIS A 174 8.03 3.51 45.84
CA HIS A 174 7.63 3.92 47.18
C HIS A 174 8.78 4.03 48.16
N ASN A 175 10.00 3.74 47.71
CA ASN A 175 11.14 3.63 48.63
C ASN A 175 12.44 4.27 48.15
N ASN A 176 12.34 5.18 47.19
CA ASN A 176 13.49 6.01 46.81
C ASN A 176 14.57 5.28 46.01
N THR A 177 14.33 4.03 45.64
CA THR A 177 15.32 3.27 44.88
C THR A 177 15.63 3.91 43.53
N GLY A 178 14.60 4.50 42.92
CA GLY A 178 14.76 5.15 41.63
C GLY A 178 15.68 6.36 41.70
N LEU A 179 15.45 7.20 42.71
CA LEU A 179 16.32 8.34 42.96
C LEU A 179 17.74 7.91 43.26
N GLU A 180 17.89 6.86 44.06
CA GLU A 180 19.21 6.34 44.41
C GLU A 180 19.95 5.77 43.20
N GLN A 181 19.20 5.08 42.33
CA GLN A 181 19.77 4.57 41.10
C GLN A 181 20.32 5.73 40.27
N GLN A 182 19.50 6.77 40.11
CA GLN A 182 19.93 7.96 39.40
C GLN A 182 21.19 8.57 40.01
N ARG A 183 21.21 8.72 41.32
CA ARG A 183 22.34 9.35 42.00
C ARG A 183 23.64 8.58 41.77
N ILE A 184 23.58 7.26 41.94
CA ILE A 184 24.75 6.41 41.82
C ILE A 184 25.30 6.43 40.38
N LEU A 185 24.40 6.30 39.41
CA LEU A 185 24.79 6.32 38.00
C LEU A 185 25.42 7.65 37.61
N THR A 186 24.82 8.76 38.03
CA THR A 186 25.33 10.08 37.66
C THR A 186 26.61 10.40 38.41
N GLU A 187 26.72 9.95 39.65
CA GLU A 187 27.98 10.03 40.38
C GLU A 187 29.12 9.28 39.69
N GLU A 188 28.78 8.15 39.06
CA GLU A 188 29.75 7.39 38.27
C GLU A 188 30.06 8.06 36.94
N GLY A 189 29.26 9.05 36.56
CA GLY A 189 29.53 9.85 35.37
C GLY A 189 28.67 9.46 34.18
N VAL A 190 27.54 8.81 34.44
CA VAL A 190 26.53 8.60 33.40
C VAL A 190 25.72 9.88 33.15
N ASP A 191 25.58 10.24 31.88
CA ASP A 191 24.67 11.32 31.48
C ASP A 191 23.24 11.02 31.92
N PRO A 192 22.66 11.92 32.73
CA PRO A 192 21.32 11.65 33.28
C PRO A 192 20.28 11.39 32.19
N GLY A 193 20.48 11.98 31.02
CA GLY A 193 19.54 11.81 29.91
C GLY A 193 19.70 10.49 29.20
N LYS A 194 20.62 9.66 29.67
CA LYS A 194 20.75 8.29 29.17
C LYS A 194 20.18 7.28 30.15
N ILE A 195 19.40 7.77 31.11
CA ILE A 195 18.76 6.91 32.11
C ILE A 195 17.24 7.03 32.04
N LEU A 196 16.57 5.89 32.01
CA LEU A 196 15.14 5.82 32.30
C LEU A 196 14.93 5.18 33.67
N ILE A 197 14.43 5.96 34.62
CA ILE A 197 14.10 5.43 35.93
C ILE A 197 12.70 4.83 35.92
N GLY A 198 12.62 3.52 36.12
CA GLY A 198 11.42 2.76 35.81
C GLY A 198 10.38 2.73 36.92
N HIS A 199 9.11 2.61 36.53
CA HIS A 199 8.04 2.20 37.42
C HIS A 199 7.62 3.32 38.35
N LEU A 200 7.98 4.55 37.97
CA LEU A 200 7.57 5.75 38.71
C LEU A 200 6.07 6.01 38.61
N GLY A 201 5.46 5.52 37.53
CA GLY A 201 4.00 5.57 37.39
C GLY A 201 3.25 4.74 38.42
N ASP A 202 3.97 3.95 39.21
CA ASP A 202 3.34 3.16 40.27
C ASP A 202 2.91 4.03 41.45
N THR A 203 3.31 5.29 41.44
CA THR A 203 2.93 6.22 42.50
C THR A 203 2.24 7.45 41.92
N ASP A 204 1.44 8.12 42.73
CA ASP A 204 0.91 9.43 42.37
C ASP A 204 1.56 10.55 43.16
N ASN A 205 2.71 10.25 43.78
CA ASN A 205 3.57 11.28 44.37
C ASN A 205 4.36 12.03 43.32
N ILE A 206 3.80 13.13 42.81
CA ILE A 206 4.40 13.83 41.67
C ILE A 206 5.63 14.61 42.10
N ASP A 207 5.68 15.00 43.37
CA ASP A 207 6.88 15.65 43.91
C ASP A 207 8.10 14.74 43.79
N TYR A 208 7.92 13.47 44.13
CA TYR A 208 8.99 12.49 43.96
C TYR A 208 9.36 12.34 42.49
N ILE A 209 8.34 12.17 41.65
CA ILE A 209 8.57 11.94 40.22
C ILE A 209 9.31 13.11 39.60
N LYS A 210 8.86 14.33 39.90
CA LYS A 210 9.48 15.53 39.35
C LYS A 210 10.94 15.67 39.79
N LYS A 211 11.24 15.25 41.01
CA LYS A 211 12.60 15.27 41.51
C LYS A 211 13.55 14.60 40.54
N ILE A 212 13.14 13.46 40.02
CA ILE A 212 13.98 12.66 39.12
C ILE A 212 14.11 13.29 37.74
N ALA A 213 12.97 13.75 37.20
CA ALA A 213 12.98 14.47 35.94
C ALA A 213 13.85 15.73 36.03
N ASP A 214 13.74 16.44 37.14
CA ASP A 214 14.48 17.69 37.34
C ASP A 214 15.98 17.43 37.28
N LYS A 215 16.39 16.25 37.71
CA LYS A 215 17.81 15.89 37.67
C LYS A 215 18.22 15.32 36.31
N GLY A 216 17.27 15.26 35.38
CA GLY A 216 17.61 15.17 33.96
C GLY A 216 17.33 13.82 33.31
N SER A 217 16.74 12.90 34.07
CA SER A 217 16.49 11.55 33.55
C SER A 217 15.04 11.38 33.09
N PHE A 218 14.82 10.38 32.23
CA PHE A 218 13.45 10.02 31.85
C PHE A 218 12.72 9.32 32.98
N ILE A 219 11.40 9.52 33.03
CA ILE A 219 10.60 9.00 34.11
C ILE A 219 9.59 8.00 33.57
N GLY A 220 9.59 6.80 34.16
CA GLY A 220 8.90 5.66 33.58
C GLY A 220 7.47 5.56 34.06
N LEU A 221 6.54 6.10 33.29
CA LEU A 221 5.13 5.90 33.55
C LEU A 221 4.63 4.66 32.82
N ASP A 222 5.06 3.48 33.28
CA ASP A 222 5.42 2.40 32.36
C ASP A 222 4.75 1.06 32.70
N ARG A 223 3.78 1.09 33.61
CA ARG A 223 3.06 -0.13 33.97
C ARG A 223 1.54 0.06 33.85
N TYR A 224 1.12 0.82 32.83
CA TYR A 224 -0.30 0.98 32.55
C TYR A 224 -1.01 -0.35 32.42
N GLY A 225 -2.03 -0.56 33.25
CA GLY A 225 -2.79 -1.79 33.23
C GLY A 225 -2.58 -2.62 34.48
N LEU A 226 -1.44 -2.43 35.13
CA LEU A 226 -1.15 -3.14 36.36
C LEU A 226 -1.78 -2.43 37.55
N ASP A 227 -3.08 -2.65 37.71
CA ASP A 227 -3.90 -1.91 38.68
C ASP A 227 -3.46 -2.21 40.11
N LEU A 228 -2.91 -3.40 40.32
CA LEU A 228 -2.45 -3.80 41.64
C LEU A 228 -1.31 -2.91 42.14
N PHE A 229 -0.60 -2.27 41.22
CA PHE A 229 0.39 -1.26 41.59
C PHE A 229 -0.20 0.14 41.66
N LEU A 230 -0.87 0.56 40.60
CA LEU A 230 -1.73 1.75 40.64
C LEU A 230 -2.78 1.70 39.54
N PRO A 231 -4.05 1.96 39.89
CA PRO A 231 -5.16 1.86 38.94
C PRO A 231 -4.99 2.79 37.74
N VAL A 232 -5.55 2.40 36.61
CA VAL A 232 -5.37 3.14 35.36
C VAL A 232 -5.75 4.63 35.52
N ASP A 233 -6.88 4.89 36.15
CA ASP A 233 -7.40 6.26 36.20
C ASP A 233 -6.48 7.17 37.01
N LYS A 234 -5.88 6.63 38.08
CA LYS A 234 -4.94 7.39 38.88
C LYS A 234 -3.63 7.65 38.13
N ARG A 235 -3.16 6.65 37.39
CA ARG A 235 -2.04 6.86 36.48
C ARG A 235 -2.35 7.99 35.48
N ASN A 236 -3.52 7.90 34.85
CA ASN A 236 -3.94 8.92 33.90
C ASN A 236 -3.89 10.33 34.49
N GLU A 237 -4.42 10.48 35.70
CA GLU A 237 -4.44 11.78 36.36
C GLU A 237 -3.02 12.27 36.62
N THR A 238 -2.14 11.35 37.01
CA THR A 238 -0.75 11.70 37.29
C THR A 238 -0.01 12.07 36.01
N THR A 239 -0.17 11.25 34.98
CA THR A 239 0.36 11.55 33.67
C THR A 239 -0.08 12.93 33.15
N LEU A 240 -1.38 13.21 33.25
CA LEU A 240 -1.92 14.48 32.75
C LEU A 240 -1.34 15.67 33.51
N ARG A 241 -1.22 15.53 34.82
CA ARG A 241 -0.67 16.58 35.66
C ARG A 241 0.79 16.89 35.28
N LEU A 242 1.57 15.84 35.10
CA LEU A 242 2.96 16.01 34.70
C LEU A 242 3.08 16.73 33.36
N ILE A 243 2.21 16.39 32.42
CA ILE A 243 2.19 17.08 31.13
C ILE A 243 1.78 18.55 31.30
N LYS A 244 0.76 18.79 32.11
CA LYS A 244 0.29 20.15 32.35
C LYS A 244 1.38 20.99 33.01
N ASP A 245 2.24 20.33 33.78
CA ASP A 245 3.31 21.01 34.51
C ASP A 245 4.57 21.11 33.68
N GLY A 246 4.53 20.60 32.46
CA GLY A 246 5.53 20.92 31.45
C GLY A 246 6.56 19.83 31.22
N TYR A 247 6.31 18.64 31.75
CA TYR A 247 7.36 17.62 31.88
C TYR A 247 7.38 16.61 30.73
N SER A 248 6.66 16.89 29.65
CA SER A 248 6.51 15.90 28.59
C SER A 248 7.85 15.55 27.95
N ASP A 249 8.87 16.39 28.15
CA ASP A 249 10.21 16.11 27.63
C ASP A 249 10.92 14.97 28.38
N LYS A 250 10.39 14.60 29.54
CA LYS A 250 10.99 13.53 30.35
C LYS A 250 10.09 12.30 30.47
N ILE A 251 8.83 12.44 30.04
CA ILE A 251 7.86 11.38 30.26
C ILE A 251 8.07 10.26 29.24
N MET A 252 8.10 9.02 29.72
CA MET A 252 7.97 7.85 28.87
C MET A 252 6.84 6.95 29.36
N ILE A 253 6.08 6.41 28.42
CA ILE A 253 4.87 5.65 28.76
C ILE A 253 4.92 4.24 28.18
N SER A 254 4.50 3.26 28.97
CA SER A 254 4.42 1.87 28.50
C SER A 254 3.56 1.02 29.44
N HIS A 255 3.51 -0.28 29.17
CA HIS A 255 2.62 -1.18 29.92
C HIS A 255 3.38 -2.13 30.81
N ASP A 256 4.66 -2.35 30.53
CA ASP A 256 5.39 -3.46 31.15
C ASP A 256 4.64 -4.77 30.88
N TYR A 257 3.96 -4.86 29.74
CA TYR A 257 3.14 -6.04 29.47
C TYR A 257 4.00 -7.28 29.24
N CYS A 258 3.58 -8.39 29.82
CA CYS A 258 4.25 -9.68 29.60
C CYS A 258 3.34 -10.63 28.82
N CYS A 259 3.72 -10.93 27.59
CA CYS A 259 2.84 -11.71 26.72
C CYS A 259 2.67 -13.11 27.27
N THR A 260 3.73 -13.62 27.90
CA THR A 260 3.60 -14.63 28.93
C THR A 260 4.53 -14.33 30.09
N ILE A 261 4.10 -14.67 31.30
CA ILE A 261 4.96 -14.67 32.46
C ILE A 261 4.59 -15.83 33.39
N ASP A 262 5.57 -16.40 34.08
CA ASP A 262 5.40 -17.73 34.69
C ASP A 262 5.06 -17.68 36.18
N ILE A 263 5.06 -16.48 36.75
CA ILE A 263 4.83 -16.34 38.18
C ILE A 263 3.38 -16.67 38.56
N GLY A 264 3.19 -17.27 39.73
CA GLY A 264 1.86 -17.69 40.18
C GLY A 264 0.88 -16.54 40.29
N THR A 265 1.41 -15.34 40.51
CA THR A 265 0.58 -14.14 40.63
C THR A 265 -0.22 -13.86 39.35
N ALA A 266 0.23 -14.44 38.24
CA ALA A 266 -0.33 -14.15 36.93
C ALA A 266 -1.22 -15.28 36.42
N LYS A 267 -1.53 -16.24 37.28
CA LYS A 267 -2.58 -17.21 36.99
C LYS A 267 -3.83 -16.49 36.48
N PRO A 268 -4.46 -17.05 35.44
CA PRO A 268 -5.60 -16.39 34.80
C PRO A 268 -6.67 -15.98 35.83
N GLU A 269 -6.84 -16.80 36.86
CA GLU A 269 -7.84 -16.53 37.89
C GLU A 269 -7.66 -15.14 38.51
N TYR A 270 -6.43 -14.64 38.48
CA TYR A 270 -6.08 -13.46 39.26
C TYR A 270 -6.16 -12.18 38.42
N LYS A 271 -6.26 -12.34 37.11
CA LYS A 271 -6.15 -11.22 36.19
C LYS A 271 -7.24 -10.16 36.40
N PRO A 272 -8.51 -10.61 36.48
CA PRO A 272 -9.62 -9.68 36.70
C PRO A 272 -9.45 -8.83 37.96
N LYS A 273 -8.81 -9.39 38.97
CA LYS A 273 -8.56 -8.67 40.22
C LYS A 273 -7.38 -7.70 40.10
N LEU A 274 -6.30 -8.17 39.48
CA LEU A 274 -5.00 -7.50 39.60
C LEU A 274 -4.71 -6.60 38.41
N ALA A 275 -5.21 -6.97 37.24
CA ALA A 275 -4.79 -6.36 35.99
C ALA A 275 -5.78 -6.59 34.84
N PRO A 276 -7.06 -6.24 35.07
CA PRO A 276 -8.15 -6.63 34.17
C PRO A 276 -7.96 -6.17 32.72
N ARG A 277 -7.41 -4.98 32.52
CA ARG A 277 -7.34 -4.38 31.19
C ARG A 277 -5.90 -4.31 30.66
N TRP A 278 -5.01 -5.04 31.33
CA TRP A 278 -3.60 -5.06 31.01
C TRP A 278 -3.38 -5.74 29.68
N SER A 279 -2.73 -5.04 28.77
CA SER A 279 -2.34 -5.60 27.48
C SER A 279 -1.36 -4.65 26.82
N ILE A 280 -0.82 -5.04 25.68
CA ILE A 280 0.18 -4.21 25.02
C ILE A 280 -0.43 -2.99 24.30
N THR A 281 -1.76 -2.90 24.30
CA THR A 281 -2.44 -1.79 23.60
C THR A 281 -3.34 -0.91 24.50
N LEU A 282 -3.28 -1.14 25.80
CA LEU A 282 -4.12 -0.37 26.74
C LEU A 282 -4.03 1.14 26.50
N ILE A 283 -2.82 1.65 26.29
CA ILE A 283 -2.64 3.10 26.22
C ILE A 283 -3.31 3.70 24.98
N PHE A 284 -3.51 2.87 23.96
CA PHE A 284 -4.23 3.31 22.76
C PHE A 284 -5.74 3.33 23.01
N GLU A 285 -6.18 2.54 23.98
CA GLU A 285 -7.60 2.31 24.19
C GLU A 285 -8.12 3.30 25.22
N ASP A 286 -7.22 3.75 26.09
CA ASP A 286 -7.62 4.45 27.30
C ASP A 286 -6.80 5.73 27.47
N THR A 287 -5.50 5.57 27.68
CA THR A 287 -4.63 6.67 28.11
C THR A 287 -4.58 7.80 27.08
N ILE A 288 -4.25 7.45 25.84
CA ILE A 288 -4.04 8.47 24.81
C ILE A 288 -5.35 9.20 24.51
N PRO A 289 -6.45 8.45 24.35
CA PRO A 289 -7.75 9.09 24.21
C PRO A 289 -8.12 9.99 25.39
N PHE A 290 -7.88 9.53 26.61
CA PHE A 290 -8.08 10.34 27.81
C PHE A 290 -7.32 11.66 27.76
N LEU A 291 -6.05 11.60 27.38
CA LEU A 291 -5.23 12.81 27.31
C LEU A 291 -5.78 13.78 26.26
N LYS A 292 -6.17 13.23 25.11
CA LYS A 292 -6.75 14.05 24.04
C LYS A 292 -8.04 14.73 24.49
N ARG A 293 -8.88 14.00 25.21
CA ARG A 293 -10.12 14.56 25.71
C ARG A 293 -9.84 15.70 26.69
N ASN A 294 -8.63 15.72 27.23
CA ASN A 294 -8.24 16.73 28.20
C ASN A 294 -7.30 17.77 27.60
N GLY A 295 -7.31 17.88 26.28
CA GLY A 295 -6.69 19.01 25.61
C GLY A 295 -5.21 18.81 25.30
N VAL A 296 -4.71 17.60 25.53
CA VAL A 296 -3.34 17.28 25.16
C VAL A 296 -3.25 16.99 23.66
N ASN A 297 -2.37 17.71 22.97
CA ASN A 297 -2.39 17.70 21.51
C ASN A 297 -1.47 16.63 20.92
N GLU A 298 -1.54 16.45 19.60
CA GLU A 298 -0.83 15.38 18.92
C GLU A 298 0.68 15.51 19.11
N GLU A 299 1.16 16.74 19.17
CA GLU A 299 2.59 17.00 19.27
C GLU A 299 3.15 16.44 20.57
N VAL A 300 2.39 16.58 21.66
CA VAL A 300 2.82 16.06 22.95
C VAL A 300 2.92 14.55 22.92
N ILE A 301 1.94 13.90 22.30
CA ILE A 301 1.95 12.45 22.17
C ILE A 301 3.16 11.99 21.35
N ALA A 302 3.45 12.71 20.28
CA ALA A 302 4.64 12.44 19.47
C ALA A 302 5.93 12.66 20.25
N THR A 303 5.94 13.63 21.15
CA THR A 303 7.12 13.85 21.98
C THR A 303 7.37 12.64 22.86
N ILE A 304 6.30 12.13 23.46
CA ILE A 304 6.44 11.06 24.44
C ILE A 304 6.85 9.74 23.78
N PHE A 305 6.25 9.43 22.64
CA PHE A 305 6.37 8.09 22.06
C PHE A 305 7.36 8.03 20.89
N LYS A 306 7.79 9.17 20.40
CA LYS A 306 8.73 9.20 19.29
C LYS A 306 10.02 9.94 19.63
N GLU A 307 9.89 11.18 20.10
CA GLU A 307 11.05 12.05 20.29
C GLU A 307 11.87 11.59 21.50
N ASN A 308 11.20 11.20 22.57
CA ASN A 308 11.89 10.87 23.80
C ASN A 308 12.71 9.58 23.66
N PRO A 309 12.10 8.51 23.14
CA PRO A 309 12.87 7.32 22.78
C PRO A 309 14.02 7.62 21.81
N LYS A 310 13.78 8.45 20.81
CA LYS A 310 14.86 8.92 19.93
C LYS A 310 16.03 9.54 20.72
N LYS A 311 15.73 10.51 21.58
CA LYS A 311 16.75 11.15 22.39
C LYS A 311 17.46 10.11 23.26
N PHE A 312 16.68 9.19 23.82
CA PHE A 312 17.20 8.17 24.72
C PHE A 312 18.32 7.37 24.05
N PHE A 313 18.12 7.05 22.78
CA PHE A 313 19.03 6.15 22.05
C PHE A 313 20.03 6.92 21.19
N SER A 314 20.08 8.24 21.37
CA SER A 314 20.97 9.07 20.56
C SER A 314 22.29 9.36 21.29
N MET B 1 -11.71 -5.23 -9.69
CA MET B 1 -12.99 -4.50 -9.96
C MET B 1 -14.19 -5.21 -9.34
N ARG B 2 -14.83 -4.57 -8.37
CA ARG B 2 -16.11 -5.05 -7.85
C ARG B 2 -16.84 -3.97 -7.06
N ILE B 3 -16.24 -3.54 -5.95
CA ILE B 3 -16.81 -2.48 -5.13
C ILE B 3 -16.25 -1.11 -5.54
N PRO B 4 -17.12 -0.21 -6.00
CA PRO B 4 -16.67 1.12 -6.37
C PRO B 4 -16.23 1.92 -5.15
N LEU B 5 -15.16 2.69 -5.30
CA LEU B 5 -14.71 3.58 -4.23
C LEU B 5 -14.76 5.02 -4.72
N VAL B 6 -15.01 5.95 -3.81
CA VAL B 6 -14.84 7.37 -4.08
C VAL B 6 -13.39 7.72 -4.37
N GLY B 7 -13.13 8.26 -5.56
CA GLY B 7 -11.83 8.82 -5.88
C GLY B 7 -10.74 7.78 -6.09
N LYS B 8 -11.15 6.51 -6.16
CA LYS B 8 -10.22 5.40 -6.36
C LYS B 8 -10.75 4.43 -7.41
N ASP B 9 -9.85 3.63 -7.99
CA ASP B 9 -10.27 2.45 -8.73
C ASP B 9 -11.09 1.50 -7.85
N SER B 10 -12.04 0.80 -8.45
CA SER B 10 -12.84 -0.19 -7.73
C SER B 10 -11.99 -1.38 -7.26
N ILE B 11 -12.42 -2.00 -6.16
CA ILE B 11 -11.65 -3.08 -5.55
C ILE B 11 -12.45 -4.38 -5.51
N GLU B 12 -11.74 -5.51 -5.51
CA GLU B 12 -12.35 -6.78 -5.14
C GLU B 12 -12.64 -6.86 -3.65
N SER B 13 -13.66 -7.61 -3.28
CA SER B 13 -14.13 -7.62 -1.89
C SER B 13 -13.04 -8.11 -0.94
N LYS B 14 -12.10 -8.89 -1.46
CA LYS B 14 -10.98 -9.38 -0.65
C LYS B 14 -10.13 -8.24 -0.12
N ASP B 15 -10.30 -7.05 -0.69
CA ASP B 15 -9.39 -5.94 -0.40
C ASP B 15 -10.05 -4.86 0.46
N ILE B 16 -11.27 -5.11 0.92
CA ILE B 16 -11.98 -4.15 1.75
C ILE B 16 -11.32 -4.01 3.13
N GLY B 17 -10.84 -5.13 3.67
CA GLY B 17 -10.13 -5.12 4.94
C GLY B 17 -11.01 -4.67 6.08
N PHE B 18 -10.39 -4.16 7.15
CA PHE B 18 -11.14 -3.75 8.34
C PHE B 18 -12.06 -2.57 8.03
N THR B 19 -13.35 -2.78 8.22
CA THR B 19 -14.36 -1.85 7.70
C THR B 19 -15.21 -1.31 8.84
N LEU B 20 -15.49 -0.01 8.79
CA LEU B 20 -16.62 0.56 9.53
C LEU B 20 -17.81 0.73 8.60
N ILE B 21 -18.86 -0.05 8.83
CA ILE B 21 -19.90 -0.26 7.82
C ILE B 21 -20.93 0.86 7.81
N HIS B 22 -20.93 1.70 8.83
CA HIS B 22 -21.94 2.77 8.92
C HIS B 22 -21.42 4.00 9.63
N GLU B 23 -20.82 4.91 8.87
CA GLU B 23 -20.39 6.21 9.38
C GLU B 23 -20.71 7.32 8.38
N HIS B 24 -20.85 8.55 8.87
CA HIS B 24 -21.11 9.71 8.01
C HIS B 24 -20.02 10.75 8.13
N LEU B 25 -19.39 11.08 7.00
CA LEU B 25 -18.50 12.23 6.96
C LEU B 25 -19.21 13.55 7.27
N ARG B 26 -20.42 13.72 6.73
CA ARG B 26 -21.19 14.94 6.95
C ARG B 26 -22.67 14.73 6.60
N VAL B 27 -23.55 15.18 7.50
CA VAL B 27 -24.99 15.15 7.26
C VAL B 27 -25.55 16.56 7.31
N PHE B 28 -26.39 16.91 6.34
CA PHE B 28 -27.17 18.15 6.41
C PHE B 28 -28.51 18.01 5.68
N SER B 29 -29.44 18.92 5.98
CA SER B 29 -30.69 19.01 5.23
C SER B 29 -30.48 19.79 3.96
N GLU B 30 -30.70 19.15 2.82
CA GLU B 30 -30.33 19.73 1.53
C GLU B 30 -30.97 21.10 1.34
N ALA B 31 -32.25 21.21 1.67
CA ALA B 31 -33.00 22.44 1.40
C ALA B 31 -32.50 23.57 2.28
N VAL B 32 -32.16 23.25 3.54
CA VAL B 32 -31.69 24.27 4.47
C VAL B 32 -30.34 24.82 4.02
N ARG B 33 -29.43 23.91 3.66
CA ARG B 33 -28.11 24.32 3.18
C ARG B 33 -28.21 25.19 1.93
N GLN B 34 -29.09 24.80 1.01
CA GLN B 34 -29.31 25.58 -0.22
C GLN B 34 -29.82 26.99 0.08
N GLN B 35 -30.74 27.10 1.03
CA GLN B 35 -31.45 28.34 1.26
C GLN B 35 -30.71 29.27 2.21
N TRP B 36 -30.02 28.69 3.18
CA TRP B 36 -29.32 29.48 4.21
C TRP B 36 -27.90 29.02 4.42
N PRO B 37 -27.04 29.24 3.42
CA PRO B 37 -25.64 28.82 3.49
C PRO B 37 -24.88 29.47 4.64
N HIS B 38 -25.37 30.61 5.15
CA HIS B 38 -24.68 31.29 6.25
C HIS B 38 -24.60 30.43 7.49
N LEU B 39 -25.40 29.37 7.53
CA LEU B 39 -25.46 28.50 8.70
C LEU B 39 -24.32 27.49 8.75
N TYR B 40 -23.61 27.34 7.63
CA TYR B 40 -22.69 26.23 7.46
C TYR B 40 -21.26 26.70 7.30
N ASN B 41 -20.31 25.87 7.71
CA ASN B 41 -18.89 26.19 7.54
C ASN B 41 -18.16 25.01 6.94
N GLU B 42 -17.88 25.08 5.64
CA GLU B 42 -17.35 23.94 4.91
C GLU B 42 -15.92 23.63 5.36
N ASP B 43 -15.17 24.65 5.76
CA ASP B 43 -13.81 24.46 6.25
C ASP B 43 -13.79 23.63 7.52
N GLU B 44 -14.65 23.99 8.48
CA GLU B 44 -14.81 23.23 9.71
C GLU B 44 -15.24 21.80 9.41
N GLU B 45 -16.25 21.65 8.56
CA GLU B 45 -16.75 20.33 8.21
C GLU B 45 -15.63 19.46 7.65
N PHE B 46 -14.80 20.05 6.79
CA PHE B 46 -13.71 19.32 6.17
C PHE B 46 -12.67 18.90 7.20
N ARG B 47 -12.28 19.82 8.08
CA ARG B 47 -11.32 19.52 9.14
C ARG B 47 -11.80 18.37 10.03
N ASN B 48 -13.06 18.43 10.43
CA ASN B 48 -13.63 17.42 11.34
C ASN B 48 -13.62 16.03 10.70
N ALA B 49 -14.05 15.97 9.45
CA ALA B 49 -14.11 14.70 8.73
C ALA B 49 -12.72 14.09 8.56
N VAL B 50 -11.78 14.91 8.09
CA VAL B 50 -10.40 14.47 7.89
C VAL B 50 -9.77 13.99 9.19
N ASN B 51 -9.98 14.75 10.25
CA ASN B 51 -9.44 14.40 11.57
C ASN B 51 -9.97 13.06 12.09
N GLU B 52 -11.27 12.86 11.96
CA GLU B 52 -11.90 11.62 12.44
C GLU B 52 -11.41 10.44 11.62
N VAL B 53 -11.42 10.59 10.30
CA VAL B 53 -11.00 9.51 9.40
C VAL B 53 -9.55 9.12 9.64
N LYS B 54 -8.68 10.10 9.85
CA LYS B 54 -7.28 9.83 10.11
C LYS B 54 -7.10 9.02 11.39
N ARG B 55 -7.88 9.32 12.41
CA ARG B 55 -7.80 8.58 13.66
C ARG B 55 -8.28 7.14 13.54
N ALA B 56 -9.35 6.94 12.78
CA ALA B 56 -9.84 5.60 12.46
C ALA B 56 -8.76 4.78 11.74
N MET B 57 -8.08 5.43 10.79
CA MET B 57 -7.04 4.74 10.04
C MET B 57 -5.87 4.36 10.94
N GLN B 58 -5.61 5.17 11.97
CA GLN B 58 -4.51 4.87 12.88
C GLN B 58 -4.81 3.65 13.75
N PHE B 59 -6.09 3.36 13.92
CA PHE B 59 -6.52 2.16 14.62
C PHE B 59 -6.59 0.97 13.67
N GLY B 60 -6.38 1.21 12.38
CA GLY B 60 -6.29 0.13 11.42
C GLY B 60 -7.53 -0.02 10.52
N VAL B 61 -8.42 0.96 10.57
CA VAL B 61 -9.57 0.96 9.66
C VAL B 61 -9.10 1.21 8.23
N LYS B 62 -9.51 0.33 7.32
CA LYS B 62 -9.08 0.43 5.93
C LYS B 62 -10.19 1.01 5.05
N THR B 63 -11.44 0.69 5.39
CA THR B 63 -12.58 1.06 4.57
C THR B 63 -13.71 1.59 5.45
N ILE B 64 -14.30 2.70 5.01
CA ILE B 64 -15.50 3.23 5.65
C ILE B 64 -16.65 3.26 4.66
N VAL B 65 -17.81 2.75 5.08
CA VAL B 65 -19.01 2.79 4.25
C VAL B 65 -19.92 3.91 4.76
N ASP B 66 -20.25 4.84 3.87
CA ASP B 66 -20.91 6.07 4.27
C ASP B 66 -22.27 6.14 3.60
N PRO B 67 -23.34 5.82 4.36
CA PRO B 67 -24.69 5.76 3.80
C PRO B 67 -25.40 7.11 3.80
N THR B 68 -24.65 8.19 3.60
CA THR B 68 -25.24 9.50 3.35
C THR B 68 -25.83 9.55 1.95
N VAL B 69 -27.15 9.73 1.86
CA VAL B 69 -27.86 9.69 0.58
C VAL B 69 -28.86 10.84 0.53
N MET B 70 -29.71 10.86 -0.49
CA MET B 70 -30.72 11.92 -0.59
C MET B 70 -31.50 12.02 0.70
N GLY B 71 -31.54 13.22 1.28
CA GLY B 71 -32.21 13.45 2.54
C GLY B 71 -31.25 13.55 3.72
N LEU B 72 -29.99 13.19 3.47
CA LEU B 72 -28.94 13.36 4.48
C LEU B 72 -27.82 14.25 3.94
N GLY B 73 -27.98 14.74 2.72
CA GLY B 73 -27.07 15.73 2.17
C GLY B 73 -25.81 15.12 1.57
N ARG B 74 -25.96 13.98 0.89
CA ARG B 74 -24.85 13.37 0.16
C ARG B 74 -24.17 14.39 -0.73
N ASP B 75 -22.85 14.46 -0.65
CA ASP B 75 -22.07 15.35 -1.49
C ASP B 75 -20.80 14.64 -1.95
N ILE B 76 -20.81 14.09 -3.16
CA ILE B 76 -19.76 13.20 -3.61
C ILE B 76 -18.43 13.95 -3.70
N ARG B 77 -18.51 15.25 -3.95
CA ARG B 77 -17.29 16.05 -4.13
C ARG B 77 -16.60 16.35 -2.82
N PHE B 78 -17.38 16.61 -1.78
CA PHE B 78 -16.87 16.67 -0.40
C PHE B 78 -16.20 15.34 0.00
N MET B 79 -16.87 14.23 -0.31
CA MET B 79 -16.31 12.90 -0.05
C MET B 79 -14.97 12.68 -0.76
N GLU B 80 -14.91 13.09 -2.03
CA GLU B 80 -13.66 13.02 -2.80
C GLU B 80 -12.52 13.79 -2.13
N LYS B 81 -12.82 14.99 -1.64
CA LYS B 81 -11.83 15.83 -0.97
C LYS B 81 -11.26 15.13 0.25
N VAL B 82 -12.14 14.51 1.02
CA VAL B 82 -11.72 13.80 2.23
C VAL B 82 -10.87 12.57 1.88
N VAL B 83 -11.29 11.83 0.87
CA VAL B 83 -10.48 10.72 0.37
C VAL B 83 -9.07 11.18 -0.03
N LYS B 84 -8.99 12.30 -0.75
CA LYS B 84 -7.71 12.82 -1.19
C LYS B 84 -6.81 13.18 -0.02
N ALA B 85 -7.42 13.64 1.07
CA ALA B 85 -6.67 14.12 2.23
C ALA B 85 -6.25 12.99 3.17
N THR B 86 -6.84 11.81 3.01
CA THR B 86 -6.66 10.73 3.99
C THR B 86 -6.18 9.42 3.38
N GLY B 87 -6.62 9.12 2.16
CA GLY B 87 -6.33 7.85 1.53
C GLY B 87 -7.24 6.70 1.94
N ILE B 88 -8.30 7.02 2.68
CA ILE B 88 -9.30 6.02 3.07
C ILE B 88 -9.95 5.39 1.83
N ASN B 89 -10.22 4.09 1.90
CA ASN B 89 -11.25 3.47 1.06
C ASN B 89 -12.63 3.93 1.51
N LEU B 90 -13.33 4.66 0.63
CA LEU B 90 -14.68 5.14 0.96
C LEU B 90 -15.71 4.58 -0.03
N VAL B 91 -16.71 3.89 0.50
CA VAL B 91 -17.82 3.41 -0.32
C VAL B 91 -19.02 4.34 -0.18
N ALA B 92 -19.39 4.97 -1.28
CA ALA B 92 -20.56 5.84 -1.30
C ALA B 92 -21.78 5.07 -1.79
N GLY B 93 -22.96 5.56 -1.45
CA GLY B 93 -24.20 4.87 -1.76
C GLY B 93 -25.17 5.75 -2.52
N THR B 94 -26.25 5.14 -3.00
CA THR B 94 -27.39 5.88 -3.49
C THR B 94 -28.60 5.45 -2.67
N GLY B 95 -29.75 6.06 -2.94
CA GLY B 95 -30.95 5.75 -2.19
C GLY B 95 -31.67 6.98 -1.72
N ILE B 96 -32.69 6.77 -0.90
CA ILE B 96 -33.52 7.86 -0.39
C ILE B 96 -33.81 7.63 1.08
N TYR B 97 -33.64 8.70 1.87
CA TYR B 97 -33.82 8.63 3.31
C TYR B 97 -35.02 9.51 3.63
N ILE B 98 -36.16 8.87 3.92
CA ILE B 98 -37.37 9.59 4.33
C ILE B 98 -38.08 8.82 5.46
N TYR B 99 -38.83 9.54 6.30
CA TYR B 99 -39.63 8.91 7.34
C TYR B 99 -41.11 8.82 6.97
N ILE B 100 -41.58 9.78 6.17
CA ILE B 100 -43.01 9.87 5.89
C ILE B 100 -43.30 9.87 4.39
N ASP B 101 -43.20 11.03 3.75
CA ASP B 101 -43.47 11.17 2.32
C ASP B 101 -42.20 11.44 1.53
N LEU B 102 -42.25 11.13 0.23
CA LEU B 102 -41.22 11.55 -0.72
C LEU B 102 -41.32 13.06 -0.99
N PRO B 103 -40.21 13.66 -1.46
CA PRO B 103 -40.23 14.99 -2.05
C PRO B 103 -41.31 15.14 -3.12
N PHE B 104 -41.82 16.36 -3.28
CA PHE B 104 -42.89 16.63 -4.24
C PHE B 104 -42.54 16.18 -5.65
N TYR B 105 -41.25 16.16 -5.98
CA TYR B 105 -40.80 15.67 -7.29
C TYR B 105 -41.52 14.37 -7.67
N PHE B 106 -41.80 13.53 -6.68
CA PHE B 106 -42.17 12.13 -6.94
C PHE B 106 -43.68 11.95 -7.04
N LEU B 107 -44.44 13.03 -6.90
CA LEU B 107 -45.86 13.00 -7.23
C LEU B 107 -46.07 12.45 -8.63
N ASN B 108 -46.92 11.42 -8.75
CA ASN B 108 -47.25 10.83 -10.04
C ASN B 108 -46.02 10.29 -10.79
N ARG B 109 -45.04 9.82 -10.03
CA ARG B 109 -43.93 9.05 -10.60
C ARG B 109 -43.91 7.62 -10.04
N SER B 110 -43.44 6.68 -10.86
CA SER B 110 -43.60 5.26 -10.53
C SER B 110 -42.45 4.77 -9.64
N ILE B 111 -42.64 3.60 -9.05
CA ILE B 111 -41.53 2.91 -8.38
C ILE B 111 -40.34 2.72 -9.33
N ASP B 112 -40.63 2.39 -10.59
CA ASP B 112 -39.57 2.18 -11.57
C ASP B 112 -38.72 3.43 -11.81
N GLU B 113 -39.36 4.59 -11.84
CA GLU B 113 -38.64 5.86 -11.95
C GLU B 113 -37.68 6.09 -10.79
N ILE B 114 -38.13 5.75 -9.58
CA ILE B 114 -37.26 5.86 -8.41
C ILE B 114 -36.05 4.93 -8.52
N ALA B 115 -36.32 3.68 -8.86
CA ALA B 115 -35.27 2.69 -9.05
C ALA B 115 -34.26 3.14 -10.11
N ASP B 116 -34.74 3.81 -11.15
CA ASP B 116 -33.88 4.32 -12.21
C ASP B 116 -32.86 5.33 -11.69
N LEU B 117 -33.24 6.10 -10.67
CA LEU B 117 -32.32 7.03 -10.03
C LEU B 117 -31.18 6.28 -9.33
N PHE B 118 -31.53 5.23 -8.60
CA PHE B 118 -30.54 4.42 -7.91
C PHE B 118 -29.60 3.76 -8.92
N ILE B 119 -30.17 3.18 -9.96
CA ILE B 119 -29.40 2.49 -10.97
C ILE B 119 -28.51 3.43 -11.76
N HIS B 120 -29.00 4.64 -12.02
CA HIS B 120 -28.15 5.70 -12.56
C HIS B 120 -26.87 5.88 -11.75
N ASP B 121 -27.02 6.05 -10.44
CA ASP B 121 -25.89 6.30 -9.57
C ASP B 121 -24.93 5.12 -9.51
N ILE B 122 -25.48 3.92 -9.66
CA ILE B 122 -24.68 2.69 -9.58
C ILE B 122 -23.91 2.45 -10.88
N LYS B 123 -24.59 2.66 -12.02
CA LYS B 123 -24.01 2.31 -13.31
C LYS B 123 -23.29 3.49 -13.95
N GLU B 124 -23.84 4.69 -13.79
CA GLU B 124 -23.32 5.86 -14.49
C GLU B 124 -22.41 6.68 -13.59
N GLY B 125 -22.89 6.99 -12.39
CA GLY B 125 -22.10 7.69 -11.40
C GLY B 125 -22.93 8.72 -10.66
N ILE B 126 -22.33 9.33 -9.63
CA ILE B 126 -23.08 10.11 -8.65
C ILE B 126 -22.89 11.61 -8.90
N GLN B 127 -24.01 12.33 -9.00
CA GLN B 127 -23.98 13.79 -9.02
C GLN B 127 -23.05 14.33 -10.09
N GLY B 128 -23.07 13.68 -11.25
CA GLY B 128 -22.30 14.16 -12.41
C GLY B 128 -20.83 13.82 -12.34
N THR B 129 -20.47 12.92 -11.43
CA THR B 129 -19.12 12.36 -11.42
C THR B 129 -19.13 10.90 -11.85
N LEU B 130 -17.95 10.32 -11.99
CA LEU B 130 -17.82 8.90 -12.34
C LEU B 130 -17.60 8.04 -11.10
N ASN B 131 -17.68 8.65 -9.92
CA ASN B 131 -17.84 7.87 -8.69
C ASN B 131 -19.19 7.18 -8.63
N LYS B 132 -19.17 5.87 -8.44
CA LYS B 132 -20.38 5.07 -8.52
C LYS B 132 -20.84 4.62 -7.14
N ALA B 133 -22.14 4.45 -6.98
CA ALA B 133 -22.71 3.92 -5.75
C ALA B 133 -22.45 2.43 -5.61
N GLY B 134 -22.10 1.99 -4.40
CA GLY B 134 -21.80 0.58 -4.15
C GLY B 134 -22.86 -0.13 -3.33
N PHE B 135 -23.92 0.61 -2.97
CA PHE B 135 -25.04 0.03 -2.24
C PHE B 135 -26.23 0.98 -2.32
N VAL B 136 -27.40 0.52 -1.90
CA VAL B 136 -28.57 1.38 -1.76
C VAL B 136 -28.97 1.53 -0.28
N ILE B 138 -31.93 2.76 2.42
CA ILE B 138 -33.34 3.10 2.63
C ILE B 138 -33.64 3.28 4.11
N ALA B 139 -34.78 3.87 4.42
CA ALA B 139 -35.10 4.22 5.80
C ALA B 139 -36.57 4.01 6.14
N ALA B 140 -36.82 3.64 7.39
CA ALA B 140 -38.11 3.86 8.01
C ALA B 140 -37.88 4.10 9.49
N ASP B 141 -38.82 4.80 10.13
CA ASP B 141 -38.67 5.09 11.54
C ASP B 141 -40.03 5.06 12.24
N GLU B 142 -40.24 6.01 13.15
CA GLU B 142 -41.42 5.98 14.01
C GLU B 142 -42.74 5.88 13.25
N PRO B 143 -42.88 6.62 12.13
CA PRO B 143 -44.12 6.60 11.36
C PRO B 143 -44.42 5.25 10.71
N GLY B 144 -43.46 4.33 10.73
CA GLY B 144 -43.68 2.98 10.21
C GLY B 144 -43.53 2.91 8.70
N ILE B 145 -44.01 1.81 8.10
CA ILE B 145 -43.93 1.65 6.65
C ILE B 145 -45.07 2.41 5.97
N THR B 146 -44.86 3.70 5.73
CA THR B 146 -45.82 4.51 5.01
C THR B 146 -45.83 4.11 3.53
N LYS B 147 -46.81 4.61 2.79
CA LYS B 147 -46.91 4.28 1.38
C LYS B 147 -45.64 4.65 0.62
N ASP B 148 -45.09 5.82 0.90
CA ASP B 148 -43.90 6.30 0.19
C ASP B 148 -42.62 5.60 0.64
N VAL B 149 -42.51 5.37 1.95
CA VAL B 149 -41.45 4.52 2.47
C VAL B 149 -41.43 3.16 1.76
N GLU B 150 -42.62 2.58 1.57
CA GLU B 150 -42.72 1.29 0.87
C GLU B 150 -42.29 1.38 -0.60
N LYS B 151 -42.64 2.47 -1.27
CA LYS B 151 -42.20 2.68 -2.65
C LYS B 151 -40.69 2.65 -2.74
N VAL B 152 -40.04 3.30 -1.78
CA VAL B 152 -38.59 3.41 -1.79
C VAL B 152 -37.94 2.04 -1.54
N ILE B 153 -38.49 1.29 -0.59
CA ILE B 153 -38.05 -0.07 -0.34
C ILE B 153 -38.11 -0.92 -1.61
N ARG B 154 -39.24 -0.84 -2.31
CA ARG B 154 -39.43 -1.67 -3.49
C ARG B 154 -38.51 -1.25 -4.63
N ALA B 155 -38.24 0.05 -4.74
CA ALA B 155 -37.27 0.55 -5.71
C ALA B 155 -35.85 0.06 -5.40
N ALA B 156 -35.51 0.02 -4.11
CA ALA B 156 -34.25 -0.56 -3.67
C ALA B 156 -34.12 -2.01 -4.14
N ALA B 157 -35.20 -2.76 -4.01
CA ALA B 157 -35.22 -4.16 -4.43
C ALA B 157 -34.94 -4.29 -5.92
N ILE B 158 -35.56 -3.42 -6.71
CA ILE B 158 -35.34 -3.39 -8.15
C ILE B 158 -33.87 -3.08 -8.47
N ALA B 159 -33.30 -2.10 -7.81
CA ALA B 159 -31.90 -1.73 -8.02
C ALA B 159 -30.94 -2.88 -7.66
N ASN B 160 -31.19 -3.53 -6.53
CA ASN B 160 -30.38 -4.69 -6.15
C ASN B 160 -30.45 -5.84 -7.14
N LYS B 161 -31.67 -6.17 -7.59
CA LYS B 161 -31.84 -7.29 -8.50
C LYS B 161 -31.17 -7.01 -9.84
N GLU B 162 -31.10 -5.73 -10.19
CA GLU B 162 -30.53 -5.31 -11.47
C GLU B 162 -29.00 -5.25 -11.42
N THR B 163 -28.46 -4.83 -10.27
CA THR B 163 -27.05 -4.46 -10.19
C THR B 163 -26.30 -5.29 -9.15
N LYS B 164 -27.05 -5.95 -8.27
CA LYS B 164 -26.47 -6.85 -7.27
C LYS B 164 -25.78 -6.14 -6.12
N VAL B 165 -25.87 -4.81 -6.06
CA VAL B 165 -25.36 -4.10 -4.90
C VAL B 165 -26.24 -4.35 -3.68
N PRO B 166 -25.63 -4.41 -2.50
CA PRO B 166 -26.37 -4.71 -1.28
C PRO B 166 -27.20 -3.53 -0.80
N ILE B 167 -28.04 -3.77 0.20
CA ILE B 167 -28.92 -2.74 0.74
C ILE B 167 -28.63 -2.52 2.23
N ILE B 168 -28.37 -1.27 2.60
CA ILE B 168 -28.30 -0.88 4.00
C ILE B 168 -29.59 -0.16 4.38
N THR B 169 -30.15 -0.49 5.53
CA THR B 169 -31.35 0.22 5.98
C THR B 169 -31.11 1.03 7.25
N HIS B 170 -31.88 2.10 7.39
CA HIS B 170 -32.17 2.73 8.67
C HIS B 170 -33.50 2.21 9.16
N SER B 171 -33.55 1.74 10.40
CA SER B 171 -34.83 1.40 11.01
C SER B 171 -34.96 1.94 12.44
N ASN B 172 -36.17 1.85 12.98
CA ASN B 172 -36.39 2.14 14.39
C ASN B 172 -36.51 0.84 15.16
N ALA B 173 -35.66 0.68 16.17
CA ALA B 173 -35.49 -0.63 16.82
C ALA B 173 -36.73 -1.05 17.62
N HIS B 174 -37.63 -0.11 17.89
CA HIS B 174 -38.67 -0.31 18.89
C HIS B 174 -40.05 -0.50 18.29
N ASN B 175 -40.16 -0.27 16.99
CA ASN B 175 -41.23 -0.88 16.22
C ASN B 175 -40.64 -1.90 15.25
N ASN B 176 -41.48 -2.41 14.36
CA ASN B 176 -41.08 -3.57 13.58
C ASN B 176 -40.55 -3.18 12.20
N THR B 177 -40.10 -1.94 12.06
CA THR B 177 -39.75 -1.42 10.73
C THR B 177 -38.63 -2.23 10.09
N GLY B 178 -37.65 -2.63 10.89
CA GLY B 178 -36.55 -3.45 10.39
C GLY B 178 -37.03 -4.77 9.85
N LEU B 179 -37.82 -5.48 10.66
CA LEU B 179 -38.40 -6.75 10.26
C LEU B 179 -39.24 -6.60 8.98
N GLU B 180 -40.01 -5.52 8.92
CA GLU B 180 -40.84 -5.25 7.76
C GLU B 180 -40.02 -4.92 6.51
N GLN B 181 -38.93 -4.17 6.69
CA GLN B 181 -38.00 -3.90 5.59
C GLN B 181 -37.48 -5.20 4.99
N GLN B 182 -36.93 -6.03 5.87
CA GLN B 182 -36.46 -7.36 5.47
C GLN B 182 -37.56 -8.15 4.74
N ARG B 183 -38.76 -8.14 5.29
CA ARG B 183 -39.87 -8.91 4.71
C ARG B 183 -40.15 -8.46 3.27
N ILE B 184 -40.34 -7.16 3.07
CA ILE B 184 -40.70 -6.64 1.76
C ILE B 184 -39.58 -6.87 0.74
N LEU B 185 -38.35 -6.58 1.15
CA LEU B 185 -37.18 -6.80 0.30
C LEU B 185 -37.09 -8.25 -0.17
N THR B 186 -37.21 -9.19 0.76
CA THR B 186 -37.04 -10.61 0.43
C THR B 186 -38.21 -11.13 -0.39
N GLU B 187 -39.40 -10.60 -0.12
CA GLU B 187 -40.57 -10.92 -0.93
C GLU B 187 -40.42 -10.41 -2.37
N GLU B 188 -39.66 -9.34 -2.53
CA GLU B 188 -39.37 -8.79 -3.85
C GLU B 188 -38.17 -9.46 -4.50
N GLY B 189 -37.64 -10.49 -3.84
CA GLY B 189 -36.62 -11.35 -4.44
C GLY B 189 -35.19 -10.94 -4.13
N VAL B 190 -35.02 -10.09 -3.13
CA VAL B 190 -33.68 -9.78 -2.62
C VAL B 190 -33.15 -10.91 -1.74
N ASP B 191 -31.93 -11.35 -2.02
CA ASP B 191 -31.20 -12.25 -1.11
C ASP B 191 -31.05 -11.60 0.27
N PRO B 192 -31.63 -12.23 1.31
CA PRO B 192 -31.60 -11.64 2.64
C PRO B 192 -30.17 -11.32 3.07
N GLY B 193 -29.19 -12.04 2.54
CA GLY B 193 -27.80 -11.86 2.89
C GLY B 193 -27.16 -10.65 2.23
N LYS B 194 -27.94 -9.97 1.38
CA LYS B 194 -27.50 -8.71 0.79
C LYS B 194 -28.14 -7.52 1.49
N ILE B 195 -28.71 -7.75 2.67
CA ILE B 195 -29.37 -6.70 3.44
C ILE B 195 -28.70 -6.51 4.79
N LEU B 196 -28.43 -5.25 5.15
CA LEU B 196 -28.10 -4.92 6.53
C LEU B 196 -29.24 -4.13 7.16
N ILE B 197 -29.89 -4.73 8.15
CA ILE B 197 -30.99 -4.08 8.84
C ILE B 197 -30.46 -3.22 9.98
N GLY B 198 -30.63 -1.90 9.86
CA GLY B 198 -29.82 -0.96 10.63
C GLY B 198 -30.42 -0.61 11.98
N HIS B 199 -29.54 -0.27 12.93
CA HIS B 199 -29.94 0.39 14.18
C HIS B 199 -30.61 -0.56 15.16
N LEU B 200 -30.43 -1.86 14.94
CA LEU B 200 -30.92 -2.86 15.89
C LEU B 200 -30.18 -2.80 17.22
N GLY B 201 -28.97 -2.22 17.21
CA GLY B 201 -28.23 -1.97 18.44
C GLY B 201 -28.92 -1.03 19.41
N ASP B 202 -29.95 -0.34 18.92
CA ASP B 202 -30.69 0.62 19.75
C ASP B 202 -31.60 -0.08 20.76
N THR B 203 -31.74 -1.39 20.65
CA THR B 203 -32.55 -2.16 21.60
C THR B 203 -31.73 -3.27 22.24
N ASP B 204 -32.12 -3.67 23.45
CA ASP B 204 -31.57 -4.89 24.05
C ASP B 204 -32.52 -6.07 23.92
N ASN B 205 -33.53 -5.93 23.06
CA ASN B 205 -34.45 -7.02 22.78
C ASN B 205 -33.81 -8.07 21.86
N ILE B 206 -33.11 -9.03 22.45
CA ILE B 206 -32.27 -9.93 21.68
C ILE B 206 -33.10 -10.91 20.84
N ASP B 207 -34.30 -11.23 21.31
CA ASP B 207 -35.23 -12.06 20.55
C ASP B 207 -35.63 -11.41 19.24
N TYR B 208 -35.90 -10.12 19.26
CA TYR B 208 -36.19 -9.38 18.04
C TYR B 208 -34.99 -9.37 17.10
N ILE B 209 -33.82 -9.05 17.64
CA ILE B 209 -32.60 -8.97 16.83
C ILE B 209 -32.26 -10.32 16.19
N LYS B 210 -32.41 -11.39 16.98
CA LYS B 210 -32.13 -12.73 16.49
C LYS B 210 -33.10 -13.13 15.39
N LYS B 211 -34.35 -12.71 15.52
CA LYS B 211 -35.36 -13.05 14.53
C LYS B 211 -34.95 -12.55 13.15
N ILE B 212 -34.43 -11.32 13.11
CA ILE B 212 -34.01 -10.72 11.85
C ILE B 212 -32.77 -11.42 11.29
N ALA B 213 -31.81 -11.72 12.18
CA ALA B 213 -30.62 -12.44 11.75
C ALA B 213 -30.96 -13.83 11.24
N ASP B 214 -31.89 -14.50 11.94
CA ASP B 214 -32.28 -15.85 11.57
C ASP B 214 -33.00 -15.90 10.22
N LYS B 215 -33.55 -14.76 9.79
CA LYS B 215 -34.16 -14.68 8.48
C LYS B 215 -33.13 -14.33 7.40
N GLY B 216 -31.88 -14.17 7.81
CA GLY B 216 -30.75 -14.26 6.89
C GLY B 216 -30.03 -12.94 6.64
N SER B 217 -30.45 -11.88 7.33
CA SER B 217 -29.85 -10.56 7.11
C SER B 217 -28.85 -10.19 8.19
N PHE B 218 -27.86 -9.37 7.81
CA PHE B 218 -26.95 -8.77 8.78
C PHE B 218 -27.71 -7.84 9.70
N ILE B 219 -27.24 -7.75 10.95
CA ILE B 219 -27.88 -6.94 11.97
C ILE B 219 -26.95 -5.82 12.40
N GLY B 220 -27.43 -4.57 12.29
CA GLY B 220 -26.57 -3.42 12.52
C GLY B 220 -26.55 -3.06 14.00
N LEU B 221 -25.48 -3.45 14.68
CA LEU B 221 -25.22 -2.93 16.01
C LEU B 221 -24.36 -1.67 15.92
N ASP B 222 -24.97 -0.59 15.43
CA ASP B 222 -24.26 0.34 14.56
C ASP B 222 -24.34 1.79 15.04
N ARG B 223 -24.77 1.98 16.29
CA ARG B 223 -24.85 3.33 16.84
C ARG B 223 -24.11 3.47 18.18
N TYR B 224 -22.99 2.76 18.28
CA TYR B 224 -22.14 2.85 19.48
C TYR B 224 -21.74 4.29 19.79
N GLY B 225 -22.07 4.73 21.00
CA GLY B 225 -21.79 6.10 21.43
C GLY B 225 -23.05 6.95 21.57
N LEU B 226 -24.08 6.59 20.82
CA LEU B 226 -25.34 7.33 20.88
C LEU B 226 -26.18 6.85 22.06
N ASP B 227 -25.86 7.35 23.25
CA ASP B 227 -26.39 6.84 24.50
C ASP B 227 -27.89 7.11 24.58
N LEU B 228 -28.33 8.18 23.94
CA LEU B 228 -29.73 8.58 23.99
C LEU B 228 -30.63 7.51 23.38
N PHE B 229 -30.07 6.71 22.49
CA PHE B 229 -30.77 5.56 21.94
C PHE B 229 -30.57 4.32 22.80
N LEU B 230 -29.31 4.03 23.12
CA LEU B 230 -28.98 3.02 24.12
C LEU B 230 -27.53 3.16 24.57
N PRO B 231 -27.29 3.18 25.89
CA PRO B 231 -25.97 3.42 26.44
C PRO B 231 -24.97 2.36 26.04
N VAL B 232 -23.69 2.72 26.05
CA VAL B 232 -22.62 1.85 25.59
C VAL B 232 -22.61 0.50 26.30
N ASP B 233 -22.80 0.51 27.62
CA ASP B 233 -22.64 -0.71 28.39
C ASP B 233 -23.78 -1.70 28.11
N LYS B 234 -24.96 -1.18 27.81
CA LYS B 234 -26.09 -2.02 27.42
C LYS B 234 -25.92 -2.58 26.02
N ARG B 235 -25.37 -1.78 25.12
CA ARG B 235 -25.00 -2.27 23.79
C ARG B 235 -23.96 -3.38 23.91
N ASN B 236 -22.95 -3.15 24.73
CA ASN B 236 -21.90 -4.14 24.97
C ASN B 236 -22.45 -5.48 25.44
N GLU B 237 -23.34 -5.45 26.44
CA GLU B 237 -23.92 -6.69 26.96
C GLU B 237 -24.72 -7.42 25.88
N THR B 238 -25.46 -6.65 25.09
CA THR B 238 -26.25 -7.22 23.99
C THR B 238 -25.35 -7.84 22.93
N THR B 239 -24.33 -7.10 22.53
CA THR B 239 -23.37 -7.59 21.54
C THR B 239 -22.71 -8.89 22.00
N LEU B 240 -22.29 -8.91 23.27
CA LEU B 240 -21.61 -10.07 23.83
C LEU B 240 -22.54 -11.28 23.87
N ARG B 241 -23.78 -11.05 24.25
CA ARG B 241 -24.77 -12.13 24.32
C ARG B 241 -24.97 -12.76 22.94
N LEU B 242 -25.10 -11.91 21.92
CA LEU B 242 -25.32 -12.38 20.55
C LEU B 242 -24.12 -13.18 20.05
N ILE B 243 -22.91 -12.70 20.36
CA ILE B 243 -21.70 -13.43 19.99
C ILE B 243 -21.64 -14.79 20.67
N LYS B 244 -21.91 -14.82 21.97
CA LYS B 244 -21.90 -16.07 22.72
C LYS B 244 -22.95 -17.05 22.17
N ASP B 245 -24.05 -16.50 21.66
CA ASP B 245 -25.13 -17.33 21.14
C ASP B 245 -24.91 -17.71 19.68
N GLY B 246 -23.76 -17.31 19.13
CA GLY B 246 -23.29 -17.83 17.85
C GLY B 246 -23.63 -16.96 16.66
N TYR B 247 -23.93 -15.69 16.90
CA TYR B 247 -24.53 -14.84 15.87
C TYR B 247 -23.51 -13.91 15.20
N SER B 248 -22.23 -14.17 15.43
CA SER B 248 -21.19 -13.30 14.86
C SER B 248 -21.20 -13.36 13.34
N ASP B 249 -21.80 -14.41 12.77
CA ASP B 249 -21.95 -14.51 11.32
C ASP B 249 -22.82 -13.39 10.74
N LYS B 250 -23.63 -12.75 11.60
CA LYS B 250 -24.55 -11.72 11.13
C LYS B 250 -24.27 -10.35 11.74
N ILE B 251 -23.44 -10.31 12.78
CA ILE B 251 -23.19 -9.05 13.48
C ILE B 251 -22.36 -8.09 12.64
N MET B 252 -22.84 -6.86 12.51
CA MET B 252 -22.01 -5.75 12.07
C MET B 252 -22.03 -4.60 13.09
N ILE B 253 -20.89 -3.95 13.25
CA ILE B 253 -20.69 -2.98 14.32
C ILE B 253 -20.15 -1.66 13.77
N SER B 254 -20.74 -0.55 14.22
CA SER B 254 -20.28 0.79 13.83
C SER B 254 -20.80 1.83 14.82
N HIS B 255 -20.58 3.10 14.51
CA HIS B 255 -20.96 4.19 15.42
C HIS B 255 -22.09 5.05 14.89
N ASP B 256 -22.31 5.01 13.57
CA ASP B 256 -23.22 5.96 12.94
C ASP B 256 -22.72 7.38 13.18
N TYR B 257 -21.41 7.53 13.35
CA TYR B 257 -20.87 8.82 13.73
C TYR B 257 -21.02 9.85 12.62
N CYS B 258 -21.40 11.06 12.98
CA CYS B 258 -21.46 12.16 12.03
C CYS B 258 -20.39 13.20 12.36
N CYS B 259 -19.38 13.30 11.50
CA CYS B 259 -18.26 14.17 11.77
C CYS B 259 -18.73 15.62 11.88
N THR B 260 -19.71 15.97 11.05
CA THR B 260 -20.62 17.07 11.35
CA THR B 260 -20.63 17.05 11.39
C THR B 260 -22.06 16.67 11.05
N ILE B 261 -23.00 17.19 11.83
CA ILE B 261 -24.42 17.07 11.51
C ILE B 261 -25.14 18.31 11.97
N ASP B 262 -26.11 18.78 11.18
CA ASP B 262 -26.60 20.14 11.30
C ASP B 262 -27.84 20.27 12.19
N ILE B 263 -28.36 19.15 12.68
CA ILE B 263 -29.60 19.18 13.45
C ILE B 263 -29.39 19.82 14.82
N GLY B 264 -30.43 20.46 15.33
CA GLY B 264 -30.35 21.16 16.60
C GLY B 264 -30.04 20.25 17.78
N THR B 265 -30.44 19.00 17.68
CA THR B 265 -30.16 18.00 18.71
C THR B 265 -28.67 17.84 18.96
N ALA B 266 -27.88 18.13 17.92
CA ALA B 266 -26.44 17.90 17.98
C ALA B 266 -25.66 19.12 18.43
N LYS B 267 -26.37 20.14 18.92
CA LYS B 267 -25.72 21.28 19.57
C LYS B 267 -24.77 20.81 20.67
N PRO B 268 -23.57 21.42 20.74
CA PRO B 268 -22.52 20.98 21.64
C PRO B 268 -23.01 20.83 23.09
N GLU B 269 -23.94 21.69 23.50
CA GLU B 269 -24.40 21.71 24.88
C GLU B 269 -25.08 20.39 25.25
N TYR B 270 -25.60 19.68 24.24
CA TYR B 270 -26.40 18.49 24.48
C TYR B 270 -25.56 17.22 24.51
N LYS B 271 -24.30 17.34 24.11
CA LYS B 271 -23.48 16.16 23.84
C LYS B 271 -23.16 15.38 25.13
N PRO B 272 -22.80 16.11 26.20
CA PRO B 272 -22.56 15.47 27.50
C PRO B 272 -23.70 14.54 27.90
N LYS B 273 -24.93 14.98 27.68
CA LYS B 273 -26.11 14.21 28.09
C LYS B 273 -26.44 13.10 27.10
N LEU B 274 -26.33 13.38 25.81
CA LEU B 274 -26.92 12.53 24.79
C LEU B 274 -25.93 11.54 24.20
N ALA B 275 -24.66 11.92 24.14
CA ALA B 275 -23.67 11.15 23.40
C ALA B 275 -22.22 11.52 23.75
N PRO B 276 -21.89 11.47 25.05
CA PRO B 276 -20.64 12.05 25.55
C PRO B 276 -19.39 11.48 24.86
N ARG B 277 -19.41 10.19 24.52
CA ARG B 277 -18.24 9.50 24.02
CA ARG B 277 -18.22 9.51 24.01
C ARG B 277 -18.38 9.12 22.54
N TRP B 278 -19.43 9.63 21.91
CA TRP B 278 -19.70 9.36 20.51
C TRP B 278 -18.56 9.84 19.64
N SER B 279 -18.02 8.93 18.83
CA SER B 279 -16.96 9.28 17.90
C SER B 279 -16.75 8.12 16.93
N ILE B 280 -15.87 8.31 15.95
CA ILE B 280 -15.64 7.28 14.95
C ILE B 280 -14.69 6.18 15.43
N THR B 281 -14.17 6.31 16.66
CA THR B 281 -13.21 5.31 17.18
C THR B 281 -13.59 4.71 18.53
N LEU B 282 -14.81 5.00 19.00
CA LEU B 282 -15.21 4.53 20.33
C LEU B 282 -15.05 3.02 20.50
N ILE B 283 -15.36 2.24 19.46
CA ILE B 283 -15.36 0.78 19.60
C ILE B 283 -13.95 0.20 19.80
N PHE B 284 -12.94 0.92 19.33
CA PHE B 284 -11.56 0.54 19.61
C PHE B 284 -11.19 0.87 21.06
N GLU B 285 -11.86 1.88 21.60
CA GLU B 285 -11.53 2.40 22.93
C GLU B 285 -12.25 1.61 24.02
N ASP B 286 -13.44 1.11 23.70
CA ASP B 286 -14.31 0.53 24.70
C ASP B 286 -14.74 -0.88 24.29
N THR B 287 -15.48 -0.97 23.18
CA THR B 287 -16.24 -2.16 22.85
C THR B 287 -15.38 -3.39 22.63
N ILE B 288 -14.40 -3.28 21.75
CA ILE B 288 -13.60 -4.44 21.37
C ILE B 288 -12.77 -4.95 22.55
N PRO B 289 -12.14 -4.03 23.32
CA PRO B 289 -11.45 -4.45 24.54
C PRO B 289 -12.38 -5.13 25.53
N PHE B 290 -13.59 -4.60 25.70
CA PHE B 290 -14.60 -5.24 26.54
C PHE B 290 -14.85 -6.67 26.09
N LEU B 291 -15.07 -6.84 24.79
CA LEU B 291 -15.31 -8.17 24.23
C LEU B 291 -14.11 -9.10 24.47
N LYS B 292 -12.91 -8.60 24.21
CA LYS B 292 -11.70 -9.40 24.34
C LYS B 292 -11.58 -9.98 25.76
N ARG B 293 -11.75 -9.13 26.76
CA ARG B 293 -11.52 -9.57 28.13
C ARG B 293 -12.73 -10.31 28.68
N ASN B 294 -13.79 -10.37 27.88
CA ASN B 294 -14.88 -11.31 28.13
C ASN B 294 -14.79 -12.56 27.26
N GLY B 295 -13.60 -12.82 26.71
CA GLY B 295 -13.30 -14.13 26.15
C GLY B 295 -13.55 -14.24 24.66
N VAL B 296 -13.97 -13.15 24.04
CA VAL B 296 -14.10 -13.12 22.57
C VAL B 296 -12.73 -13.01 21.90
N ASN B 297 -12.44 -13.91 20.97
CA ASN B 297 -11.12 -13.98 20.36
C ASN B 297 -11.01 -13.19 19.06
N GLU B 298 -9.78 -13.01 18.58
CA GLU B 298 -9.53 -12.18 17.41
C GLU B 298 -10.21 -12.74 16.17
N GLU B 299 -10.43 -14.05 16.15
CA GLU B 299 -11.20 -14.68 15.08
C GLU B 299 -12.56 -14.02 14.91
N VAL B 300 -13.26 -13.83 16.02
CA VAL B 300 -14.60 -13.28 15.99
C VAL B 300 -14.58 -11.80 15.59
N ILE B 301 -13.60 -11.06 16.13
CA ILE B 301 -13.43 -9.66 15.73
C ILE B 301 -13.24 -9.56 14.22
N ALA B 302 -12.37 -10.41 13.68
CA ALA B 302 -12.11 -10.44 12.25
C ALA B 302 -13.36 -10.77 11.43
N THR B 303 -14.14 -11.74 11.90
CA THR B 303 -15.40 -12.06 11.22
C THR B 303 -16.30 -10.83 11.13
N ILE B 304 -16.41 -10.10 12.24
CA ILE B 304 -17.36 -8.99 12.30
C ILE B 304 -16.92 -7.82 11.43
N PHE B 305 -15.63 -7.47 11.51
CA PHE B 305 -15.16 -6.23 10.89
C PHE B 305 -14.52 -6.46 9.52
N LYS B 306 -14.23 -7.71 9.18
CA LYS B 306 -13.62 -8.01 7.88
C LYS B 306 -14.49 -8.96 7.04
N GLU B 307 -14.76 -10.14 7.58
CA GLU B 307 -15.45 -11.18 6.83
C GLU B 307 -16.87 -10.78 6.47
N ASN B 308 -17.57 -10.13 7.40
CA ASN B 308 -18.98 -9.82 7.20
C ASN B 308 -19.20 -8.71 6.16
N PRO B 309 -18.47 -7.60 6.27
CA PRO B 309 -18.44 -6.63 5.18
C PRO B 309 -18.07 -7.25 3.84
N LYS B 310 -17.11 -8.17 3.83
CA LYS B 310 -16.71 -8.82 2.58
C LYS B 310 -17.85 -9.63 1.96
N LYS B 311 -18.49 -10.48 2.76
CA LYS B 311 -19.66 -11.24 2.30
C LYS B 311 -20.77 -10.31 1.82
N PHE B 312 -21.05 -9.27 2.60
CA PHE B 312 -22.06 -8.28 2.26
C PHE B 312 -21.86 -7.74 0.84
N PHE B 313 -20.61 -7.48 0.48
CA PHE B 313 -20.31 -6.82 -0.79
C PHE B 313 -19.92 -7.84 -1.87
N SER B 314 -20.12 -9.11 -1.59
CA SER B 314 -19.67 -10.18 -2.49
C SER B 314 -20.81 -10.73 -3.34
N MET C 1 27.48 -4.07 -14.87
CA MET C 1 27.61 -5.47 -14.37
C MET C 1 26.71 -5.72 -13.17
N ARG C 2 25.91 -6.79 -13.22
CA ARG C 2 24.83 -7.00 -12.27
C ARG C 2 24.28 -8.42 -12.28
N ILE C 3 23.71 -8.84 -13.42
CA ILE C 3 23.35 -10.24 -13.61
C ILE C 3 24.46 -11.02 -14.29
N PRO C 4 24.96 -12.07 -13.61
CA PRO C 4 25.98 -12.93 -14.21
C PRO C 4 25.40 -13.77 -15.34
N LEU C 5 26.17 -13.94 -16.41
CA LEU C 5 25.74 -14.75 -17.54
C LEU C 5 26.72 -15.89 -17.77
N VAL C 6 26.22 -17.03 -18.22
CA VAL C 6 27.08 -18.14 -18.57
C VAL C 6 27.92 -17.77 -19.78
N GLY C 7 29.24 -17.81 -19.63
CA GLY C 7 30.15 -17.64 -20.76
C GLY C 7 30.25 -16.21 -21.26
N LYS C 8 29.74 -15.27 -20.48
CA LYS C 8 29.72 -13.86 -20.88
C LYS C 8 30.04 -12.95 -19.69
N ASP C 9 30.46 -11.73 -19.98
CA ASP C 9 30.42 -10.64 -19.01
C ASP C 9 29.01 -10.46 -18.44
N SER C 10 28.95 -10.11 -17.15
CA SER C 10 27.67 -9.81 -16.52
C SER C 10 27.02 -8.58 -17.17
N ILE C 11 25.71 -8.50 -17.10
CA ILE C 11 24.98 -7.37 -17.68
C ILE C 11 24.21 -6.62 -16.61
N GLU C 12 23.93 -5.35 -16.88
CA GLU C 12 22.95 -4.61 -16.09
C GLU C 12 21.54 -5.10 -16.40
N SER C 13 20.66 -5.04 -15.41
CA SER C 13 19.35 -5.65 -15.52
C SER C 13 18.49 -4.94 -16.57
N LYS C 14 18.79 -3.67 -16.82
CA LYS C 14 18.08 -2.91 -17.85
C LYS C 14 18.33 -3.47 -19.25
N ASP C 15 19.32 -4.35 -19.36
CA ASP C 15 19.78 -4.84 -20.66
C ASP C 15 19.35 -6.28 -20.91
N ILE C 16 18.54 -6.82 -20.01
CA ILE C 16 18.10 -8.21 -20.06
C ILE C 16 17.23 -8.49 -21.29
N GLY C 17 16.45 -7.49 -21.69
CA GLY C 17 15.60 -7.61 -22.87
C GLY C 17 14.50 -8.65 -22.70
N PHE C 18 13.94 -9.09 -23.82
CA PHE C 18 12.86 -10.07 -23.80
C PHE C 18 13.34 -11.39 -23.21
N THR C 19 12.72 -11.80 -22.10
CA THR C 19 13.25 -12.86 -21.27
C THR C 19 12.25 -14.02 -21.19
N LEU C 20 12.76 -15.25 -21.28
CA LEU C 20 12.05 -16.42 -20.80
C LEU C 20 12.60 -16.85 -19.46
N ILE C 21 11.77 -16.76 -18.42
CA ILE C 21 12.24 -16.74 -17.04
C ILE C 21 12.41 -18.15 -16.47
N HIS C 22 11.97 -19.18 -17.20
CA HIS C 22 12.00 -20.54 -16.67
C HIS C 22 11.96 -21.56 -17.79
N GLU C 23 13.15 -21.91 -18.29
CA GLU C 23 13.29 -23.00 -19.24
C GLU C 23 14.51 -23.84 -18.86
N HIS C 24 14.57 -25.08 -19.35
CA HIS C 24 15.70 -25.96 -19.04
C HIS C 24 16.40 -26.43 -20.29
N LEU C 25 17.71 -26.20 -20.38
CA LEU C 25 18.48 -26.76 -21.48
C LEU C 25 18.52 -28.29 -21.39
N ARG C 26 18.58 -28.82 -20.17
CA ARG C 26 18.70 -30.25 -19.97
C ARG C 26 18.46 -30.63 -18.51
N VAL C 27 17.67 -31.67 -18.30
CA VAL C 27 17.39 -32.17 -16.96
C VAL C 27 17.69 -33.66 -16.86
N PHE C 28 18.49 -34.06 -15.87
CA PHE C 28 18.66 -35.47 -15.56
C PHE C 28 18.80 -35.72 -14.06
N SER C 29 18.61 -36.98 -13.64
CA SER C 29 18.91 -37.40 -12.27
C SER C 29 20.40 -37.66 -12.12
N GLU C 30 21.07 -36.90 -11.25
CA GLU C 30 22.52 -36.98 -11.13
C GLU C 30 23.01 -38.42 -10.90
N ALA C 31 22.37 -39.12 -9.97
CA ALA C 31 22.85 -40.44 -9.55
C ALA C 31 22.67 -41.48 -10.65
N VAL C 32 21.63 -41.32 -11.45
CA VAL C 32 21.33 -42.28 -12.49
C VAL C 32 22.31 -42.12 -13.64
N ARG C 33 22.61 -40.87 -14.00
CA ARG C 33 23.56 -40.60 -15.08
C ARG C 33 24.98 -41.01 -14.70
N GLN C 34 25.34 -40.82 -13.44
CA GLN C 34 26.64 -41.26 -12.95
C GLN C 34 26.78 -42.78 -12.96
N GLN C 35 25.72 -43.48 -12.56
CA GLN C 35 25.78 -44.93 -12.42
C GLN C 35 25.53 -45.68 -13.74
N TRP C 36 24.71 -45.09 -14.61
CA TRP C 36 24.36 -45.73 -15.87
C TRP C 36 24.45 -44.79 -17.06
N PRO C 37 25.67 -44.43 -17.45
CA PRO C 37 25.89 -43.50 -18.56
C PRO C 37 25.34 -43.99 -19.90
N HIS C 38 25.18 -45.29 -20.06
CA HIS C 38 24.70 -45.85 -21.34
C HIS C 38 23.30 -45.38 -21.67
N LEU C 39 22.60 -44.83 -20.69
CA LEU C 39 21.22 -44.40 -20.88
C LEU C 39 21.15 -43.06 -21.64
N TYR C 40 22.27 -42.35 -21.71
CA TYR C 40 22.26 -40.94 -22.08
C TYR C 40 23.04 -40.69 -23.37
N ASN C 41 22.70 -39.62 -24.06
CA ASN C 41 23.32 -39.29 -25.33
C ASN C 41 23.60 -37.79 -25.43
N GLU C 42 24.85 -37.41 -25.17
CA GLU C 42 25.20 -36.00 -25.00
C GLU C 42 25.09 -35.23 -26.30
N ASP C 43 25.33 -35.90 -27.42
CA ASP C 43 25.25 -35.24 -28.71
C ASP C 43 23.81 -34.85 -29.03
N GLU C 44 22.90 -35.79 -28.87
CA GLU C 44 21.47 -35.53 -28.97
C GLU C 44 21.04 -34.39 -28.05
N GLU C 45 21.48 -34.45 -26.80
CA GLU C 45 21.13 -33.45 -25.80
C GLU C 45 21.60 -32.06 -26.23
N PHE C 46 22.82 -31.99 -26.74
CA PHE C 46 23.39 -30.74 -27.22
C PHE C 46 22.60 -30.19 -28.41
N ARG C 47 22.33 -31.06 -29.39
CA ARG C 47 21.63 -30.67 -30.59
C ARG C 47 20.23 -30.13 -30.28
N ASN C 48 19.53 -30.81 -29.38
CA ASN C 48 18.18 -30.39 -28.99
C ASN C 48 18.17 -29.02 -28.33
N ALA C 49 19.11 -28.80 -27.41
CA ALA C 49 19.19 -27.53 -26.70
C ALA C 49 19.57 -26.39 -27.64
N VAL C 50 20.51 -26.64 -28.55
CA VAL C 50 20.95 -25.60 -29.47
C VAL C 50 19.81 -25.22 -30.41
N ASN C 51 19.10 -26.23 -30.92
CA ASN C 51 17.99 -26.01 -31.84
C ASN C 51 16.86 -25.20 -31.22
N GLU C 52 16.43 -25.60 -30.02
CA GLU C 52 15.39 -24.88 -29.31
C GLU C 52 15.78 -23.42 -29.05
N VAL C 53 17.00 -23.21 -28.54
CA VAL C 53 17.45 -21.87 -28.19
C VAL C 53 17.47 -20.99 -29.44
N LYS C 54 17.95 -21.54 -30.55
CA LYS C 54 18.04 -20.79 -31.79
C LYS C 54 16.66 -20.32 -32.26
N ARG C 55 15.64 -21.16 -32.09
CA ARG C 55 14.30 -20.77 -32.50
C ARG C 55 13.72 -19.71 -31.58
N ALA C 56 13.99 -19.84 -30.28
CA ALA C 56 13.60 -18.81 -29.32
C ALA C 56 14.20 -17.46 -29.68
N MET C 57 15.48 -17.46 -30.05
CA MET C 57 16.17 -16.23 -30.41
C MET C 57 15.58 -15.59 -31.67
N GLN C 58 15.17 -16.43 -32.62
CA GLN C 58 14.58 -15.90 -33.84
C GLN C 58 13.18 -15.34 -33.63
N PHE C 59 12.55 -15.72 -32.52
CA PHE C 59 11.33 -15.06 -32.06
C PHE C 59 11.64 -13.85 -31.17
N GLY C 60 12.92 -13.53 -31.01
CA GLY C 60 13.32 -12.30 -30.34
C GLY C 60 13.58 -12.44 -28.84
N VAL C 61 13.68 -13.68 -28.36
CA VAL C 61 14.15 -13.91 -27.00
C VAL C 61 15.62 -13.53 -26.85
N LYS C 62 15.92 -12.68 -25.87
CA LYS C 62 17.28 -12.20 -25.66
C LYS C 62 17.97 -12.96 -24.54
N THR C 63 17.20 -13.27 -23.50
CA THR C 63 17.73 -13.90 -22.30
C THR C 63 16.87 -15.09 -21.91
N ILE C 64 17.53 -16.18 -21.53
CA ILE C 64 16.84 -17.33 -20.94
C ILE C 64 17.37 -17.61 -19.54
N VAL C 65 16.46 -17.73 -18.59
CA VAL C 65 16.81 -18.09 -17.22
C VAL C 65 16.57 -19.58 -17.02
N ASP C 66 17.61 -20.30 -16.61
CA ASP C 66 17.57 -21.77 -16.55
C ASP C 66 17.77 -22.25 -15.12
N PRO C 67 16.67 -22.63 -14.44
CA PRO C 67 16.75 -22.97 -13.04
C PRO C 67 17.04 -24.45 -12.81
N THR C 68 17.86 -25.05 -13.68
CA THR C 68 18.43 -26.35 -13.40
C THR C 68 19.48 -26.25 -12.29
N VAL C 69 19.21 -26.88 -11.15
CA VAL C 69 20.12 -26.86 -10.01
C VAL C 69 20.32 -28.27 -9.47
N MET C 70 20.98 -28.41 -8.33
CA MET C 70 21.18 -29.74 -7.73
C MET C 70 19.86 -30.50 -7.66
N GLY C 71 19.85 -31.72 -8.17
CA GLY C 71 18.63 -32.53 -8.21
C GLY C 71 17.96 -32.53 -9.57
N LEU C 72 18.45 -31.68 -10.47
CA LEU C 72 17.93 -31.59 -11.83
C LEU C 72 19.06 -31.73 -12.85
N GLY C 73 20.29 -31.89 -12.36
CA GLY C 73 21.41 -32.23 -13.22
C GLY C 73 22.10 -31.01 -13.82
N ARG C 74 22.14 -29.92 -13.07
CA ARG C 74 22.84 -28.73 -13.53
C ARG C 74 24.25 -29.07 -14.02
N ASP C 75 24.60 -28.56 -15.19
CA ASP C 75 25.94 -28.78 -15.73
C ASP C 75 26.45 -27.51 -16.42
N ILE C 76 27.26 -26.73 -15.71
CA ILE C 76 27.63 -25.41 -16.19
C ILE C 76 28.42 -25.49 -17.50
N ARG C 77 29.17 -26.59 -17.68
CA ARG C 77 30.00 -26.73 -18.87
C ARG C 77 29.17 -27.07 -20.11
N PHE C 78 28.11 -27.86 -19.91
CA PHE C 78 27.10 -28.05 -20.95
C PHE C 78 26.46 -26.72 -21.34
N MET C 79 26.04 -25.96 -20.34
CA MET C 79 25.46 -24.64 -20.58
C MET C 79 26.40 -23.72 -21.34
N GLU C 80 27.67 -23.72 -20.96
CA GLU C 80 28.70 -22.96 -21.68
C GLU C 80 28.73 -23.30 -23.17
N LYS C 81 28.65 -24.58 -23.48
CA LYS C 81 28.73 -25.03 -24.87
C LYS C 81 27.54 -24.54 -25.68
N VAL C 82 26.37 -24.48 -25.04
CA VAL C 82 25.16 -24.03 -25.72
C VAL C 82 25.20 -22.53 -25.97
N VAL C 83 25.72 -21.77 -25.00
CA VAL C 83 25.95 -20.34 -25.19
C VAL C 83 26.90 -20.07 -26.36
N LYS C 84 28.02 -20.77 -26.38
CA LYS C 84 29.01 -20.57 -27.44
C LYS C 84 28.41 -20.86 -28.82
N ALA C 85 27.46 -21.80 -28.86
CA ALA C 85 26.87 -22.23 -30.12
C ALA C 85 25.71 -21.32 -30.57
N THR C 86 25.21 -20.48 -29.67
CA THR C 86 23.98 -19.75 -29.95
C THR C 86 24.10 -18.24 -29.72
N GLY C 87 24.89 -17.85 -28.72
CA GLY C 87 25.02 -16.43 -28.36
C GLY C 87 23.93 -15.92 -27.44
N ILE C 88 23.08 -16.82 -26.94
CA ILE C 88 22.05 -16.45 -25.97
C ILE C 88 22.67 -15.84 -24.71
N ASN C 89 21.98 -14.88 -24.10
CA ASN C 89 22.14 -14.59 -22.69
C ASN C 89 21.53 -15.69 -21.84
N LEU C 90 22.35 -16.40 -21.08
CA LEU C 90 21.86 -17.48 -20.22
C LEU C 90 22.18 -17.21 -18.74
N VAL C 91 21.14 -17.13 -17.93
CA VAL C 91 21.32 -17.00 -16.48
C VAL C 91 21.24 -18.37 -15.81
N ALA C 92 22.34 -18.78 -15.18
CA ALA C 92 22.37 -20.00 -14.39
C ALA C 92 22.11 -19.67 -12.92
N GLY C 93 21.63 -20.67 -12.19
CA GLY C 93 21.30 -20.47 -10.79
C GLY C 93 22.04 -21.45 -9.89
N THR C 94 21.83 -21.30 -8.59
CA THR C 94 22.21 -22.29 -7.62
C THR C 94 20.97 -22.67 -6.82
N GLY C 95 21.13 -23.60 -5.88
CA GLY C 95 20.00 -24.04 -5.07
C GLY C 95 19.92 -25.55 -4.96
N ILE C 96 18.84 -26.03 -4.36
CA ILE C 96 18.59 -27.47 -4.24
C ILE C 96 17.12 -27.77 -4.55
N TYR C 97 16.91 -28.79 -5.37
CA TYR C 97 15.57 -29.21 -5.79
C TYR C 97 15.25 -30.55 -5.13
N ILE C 98 14.46 -30.52 -4.06
CA ILE C 98 14.00 -31.74 -3.39
C ILE C 98 12.50 -31.64 -3.07
N TYR C 99 11.85 -32.79 -2.93
CA TYR C 99 10.43 -32.83 -2.53
C TYR C 99 10.27 -33.30 -1.09
N ILE C 100 11.23 -34.08 -0.61
CA ILE C 100 11.07 -34.74 0.68
C ILE C 100 12.27 -34.48 1.59
N ASP C 101 13.35 -35.23 1.36
CA ASP C 101 14.54 -35.13 2.20
C ASP C 101 15.76 -34.66 1.40
N LEU C 102 16.73 -34.07 2.10
CA LEU C 102 18.02 -33.77 1.51
C LEU C 102 18.84 -35.04 1.24
N PRO C 103 19.82 -34.95 0.34
CA PRO C 103 20.81 -36.02 0.18
C PRO C 103 21.51 -36.33 1.51
N PHE C 104 21.93 -37.57 1.68
CA PHE C 104 22.54 -38.01 2.93
C PHE C 104 23.67 -37.11 3.37
N TYR C 105 24.35 -36.49 2.40
CA TYR C 105 25.40 -35.52 2.71
C TYR C 105 25.02 -34.61 3.88
N PHE C 106 23.75 -34.21 3.93
CA PHE C 106 23.34 -33.09 4.76
C PHE C 106 22.92 -33.52 6.17
N LEU C 107 23.00 -34.82 6.44
CA LEU C 107 22.82 -35.30 7.81
C LEU C 107 23.74 -34.55 8.76
N ASN C 108 23.18 -34.02 9.85
CA ASN C 108 23.96 -33.27 10.83
C ASN C 108 24.79 -32.15 10.21
N ARG C 109 24.20 -31.45 9.24
CA ARG C 109 24.75 -30.17 8.79
C ARG C 109 23.70 -29.06 8.91
N SER C 110 24.17 -27.84 9.11
CA SER C 110 23.29 -26.75 9.49
C SER C 110 22.70 -26.06 8.26
N ILE C 111 21.67 -25.26 8.47
CA ILE C 111 21.15 -24.40 7.42
C ILE C 111 22.25 -23.47 6.89
N ASP C 112 23.11 -22.99 7.78
CA ASP C 112 24.23 -22.14 7.39
C ASP C 112 25.12 -22.84 6.36
N GLU C 113 25.40 -24.12 6.58
CA GLU C 113 26.25 -24.89 5.67
C GLU C 113 25.65 -24.97 4.27
N ILE C 114 24.32 -25.15 4.21
CA ILE C 114 23.62 -25.19 2.94
C ILE C 114 23.71 -23.84 2.22
N ALA C 115 23.42 -22.77 2.96
CA ALA C 115 23.49 -21.42 2.40
C ALA C 115 24.90 -21.12 1.86
N ASP C 116 25.92 -21.58 2.57
CA ASP C 116 27.29 -21.44 2.12
C ASP C 116 27.54 -22.02 0.74
N LEU C 117 26.87 -23.13 0.44
CA LEU C 117 26.92 -23.73 -0.89
C LEU C 117 26.38 -22.76 -1.95
N PHE C 118 25.26 -22.12 -1.64
CA PHE C 118 24.62 -21.22 -2.59
C PHE C 118 25.49 -19.98 -2.78
N ILE C 119 25.99 -19.44 -1.68
CA ILE C 119 26.83 -18.25 -1.71
C ILE C 119 28.13 -18.50 -2.47
N HIS C 120 28.69 -19.71 -2.33
CA HIS C 120 29.83 -20.13 -3.13
C HIS C 120 29.58 -20.01 -4.61
N ASP C 121 28.48 -20.60 -5.08
CA ASP C 121 28.12 -20.56 -6.50
C ASP C 121 27.89 -19.13 -6.98
N ILE C 122 27.34 -18.30 -6.11
CA ILE C 122 27.03 -16.92 -6.48
C ILE C 122 28.30 -16.08 -6.54
N LYS C 123 29.16 -16.23 -5.53
CA LYS C 123 30.29 -15.32 -5.34
C LYS C 123 31.57 -15.85 -5.99
N GLU C 124 31.76 -17.16 -5.93
CA GLU C 124 33.01 -17.76 -6.44
C GLU C 124 32.80 -18.30 -7.85
N GLY C 125 31.74 -19.07 -8.04
CA GLY C 125 31.45 -19.66 -9.34
C GLY C 125 30.97 -21.08 -9.24
N ILE C 126 30.55 -21.65 -10.36
CA ILE C 126 29.80 -22.90 -10.37
C ILE C 126 30.66 -24.07 -10.85
N GLN C 127 30.75 -25.11 -10.03
CA GLN C 127 31.43 -26.34 -10.43
C GLN C 127 32.84 -26.10 -10.94
N GLY C 128 33.58 -25.22 -10.26
CA GLY C 128 35.00 -25.03 -10.55
C GLY C 128 35.26 -24.06 -11.67
N THR C 129 34.20 -23.46 -12.20
CA THR C 129 34.36 -22.43 -13.23
C THR C 129 34.10 -21.05 -12.64
N LEU C 130 34.31 -20.02 -13.46
CA LEU C 130 34.05 -18.65 -13.02
C LEU C 130 32.70 -18.14 -13.51
N ASN C 131 31.88 -19.05 -14.03
CA ASN C 131 30.46 -18.76 -14.23
C ASN C 131 29.72 -18.69 -12.89
N LYS C 132 29.01 -17.59 -12.67
CA LYS C 132 28.39 -17.35 -11.37
C LYS C 132 26.88 -17.53 -11.42
N ALA C 133 26.29 -17.86 -10.27
CA ALA C 133 24.86 -18.02 -10.13
C ALA C 133 24.17 -16.66 -9.96
N GLY C 134 23.05 -16.48 -10.66
CA GLY C 134 22.34 -15.19 -10.66
C GLY C 134 21.05 -15.23 -9.87
N PHE C 135 20.74 -16.39 -9.30
CA PHE C 135 19.54 -16.59 -8.49
C PHE C 135 19.64 -17.90 -7.73
N VAL C 136 18.74 -18.09 -6.76
CA VAL C 136 18.61 -19.37 -6.07
C VAL C 136 17.28 -20.04 -6.39
N ILE C 138 14.57 -23.08 -5.40
CA ILE C 138 14.12 -24.02 -4.37
C ILE C 138 12.79 -24.66 -4.77
N ALA C 139 12.45 -25.78 -4.13
CA ALA C 139 11.28 -26.57 -4.51
C ALA C 139 10.45 -27.00 -3.31
N ALA C 140 9.14 -27.12 -3.53
CA ALA C 140 8.28 -27.98 -2.73
C ALA C 140 7.18 -28.53 -3.62
N ASP C 141 6.66 -29.70 -3.29
CA ASP C 141 5.60 -30.30 -4.09
C ASP C 141 4.56 -31.01 -3.24
N GLU C 142 4.10 -32.16 -3.71
CA GLU C 142 2.98 -32.85 -3.07
C GLU C 142 3.22 -33.14 -1.59
N PRO C 143 4.45 -33.52 -1.21
CA PRO C 143 4.75 -33.82 0.19
C PRO C 143 4.67 -32.59 1.11
N GLY C 144 4.61 -31.39 0.54
CA GLY C 144 4.44 -30.18 1.33
C GLY C 144 5.75 -29.66 1.90
N ILE C 145 5.66 -28.82 2.93
CA ILE C 145 6.86 -28.22 3.52
C ILE C 145 7.44 -29.13 4.60
N THR C 146 8.20 -30.13 4.16
CA THR C 146 8.91 -31.02 5.08
C THR C 146 10.03 -30.29 5.80
N LYS C 147 10.60 -30.92 6.82
CA LYS C 147 11.68 -30.31 7.58
CA LYS C 147 11.68 -30.32 7.58
C LYS C 147 12.83 -29.90 6.67
N ASP C 148 13.22 -30.78 5.75
CA ASP C 148 14.37 -30.53 4.89
C ASP C 148 14.05 -29.51 3.79
N VAL C 149 12.82 -29.55 3.27
CA VAL C 149 12.37 -28.52 2.34
C VAL C 149 12.44 -27.13 2.98
N GLU C 150 11.99 -27.05 4.24
CA GLU C 150 12.03 -25.77 4.96
C GLU C 150 13.46 -25.31 5.19
N LYS C 151 14.35 -26.24 5.49
CA LYS C 151 15.77 -25.92 5.67
C LYS C 151 16.34 -25.28 4.41
N VAL C 152 15.99 -25.82 3.26
CA VAL C 152 16.49 -25.30 1.99
C VAL C 152 15.92 -23.91 1.71
N ILE C 153 14.64 -23.72 2.04
CA ILE C 153 14.02 -22.41 1.89
C ILE C 153 14.70 -21.33 2.74
N ARG C 154 15.02 -21.66 3.99
CA ARG C 154 15.68 -20.72 4.87
C ARG C 154 17.13 -20.45 4.42
N ALA C 155 17.77 -21.47 3.89
CA ALA C 155 19.12 -21.30 3.33
C ALA C 155 19.10 -20.34 2.13
N ALA C 156 18.08 -20.46 1.29
CA ALA C 156 17.92 -19.56 0.14
C ALA C 156 17.72 -18.11 0.58
N ALA C 157 16.98 -17.92 1.68
CA ALA C 157 16.77 -16.59 2.24
C ALA C 157 18.10 -15.97 2.66
N ILE C 158 18.91 -16.77 3.34
CA ILE C 158 20.23 -16.32 3.79
C ILE C 158 21.09 -15.90 2.59
N ALA C 159 21.09 -16.72 1.54
CA ALA C 159 21.82 -16.39 0.32
C ALA C 159 21.35 -15.09 -0.33
N ASN C 160 20.04 -14.88 -0.40
CA ASN C 160 19.49 -13.65 -0.95
C ASN C 160 19.88 -12.42 -0.15
N LYS C 161 19.79 -12.52 1.17
CA LYS C 161 20.14 -11.39 2.03
C LYS C 161 21.62 -11.05 1.89
N GLU C 162 22.45 -12.07 1.72
CA GLU C 162 23.89 -11.88 1.59
C GLU C 162 24.28 -11.34 0.21
N THR C 163 23.58 -11.78 -0.83
CA THR C 163 24.03 -11.52 -2.20
C THR C 163 23.01 -10.77 -3.04
N LYS C 164 21.80 -10.64 -2.53
CA LYS C 164 20.74 -9.88 -3.21
C LYS C 164 20.24 -10.52 -4.51
N VAL C 165 20.68 -11.73 -4.82
CA VAL C 165 20.09 -12.45 -5.95
C VAL C 165 18.66 -12.86 -5.63
N PRO C 166 17.79 -12.92 -6.65
CA PRO C 166 16.40 -13.26 -6.44
C PRO C 166 16.21 -14.77 -6.27
N ILE C 167 15.01 -15.17 -5.87
CA ILE C 167 14.69 -16.56 -5.66
C ILE C 167 13.58 -17.00 -6.61
N ILE C 168 13.81 -18.10 -7.33
CA ILE C 168 12.77 -18.75 -8.11
C ILE C 168 12.35 -20.04 -7.43
N THR C 169 11.03 -20.28 -7.35
CA THR C 169 10.57 -21.50 -6.71
C THR C 169 9.85 -22.44 -7.69
N HIS C 170 9.95 -23.73 -7.41
CA HIS C 170 9.02 -24.74 -7.85
C HIS C 170 8.01 -24.98 -6.75
N SER C 171 6.72 -24.87 -7.07
CA SER C 171 5.67 -25.29 -6.15
C SER C 171 4.64 -26.21 -6.82
N ASN C 172 3.75 -26.77 -6.00
CA ASN C 172 2.57 -27.47 -6.48
C ASN C 172 1.34 -26.59 -6.30
N ALA C 173 0.67 -26.29 -7.41
CA ALA C 173 -0.36 -25.25 -7.41
C ALA C 173 -1.59 -25.68 -6.62
N HIS C 174 -1.66 -26.96 -6.27
CA HIS C 174 -2.91 -27.53 -5.74
C HIS C 174 -2.85 -27.76 -4.25
N ASN C 175 -1.69 -27.61 -3.65
CA ASN C 175 -1.61 -27.35 -2.24
C ASN C 175 -1.07 -25.95 -1.99
N ASN C 176 -0.77 -25.63 -0.74
CA ASN C 176 -0.43 -24.26 -0.41
CA ASN C 176 -0.44 -24.28 -0.33
C ASN C 176 1.07 -24.03 -0.33
N THR C 177 1.84 -24.88 -1.02
CA THR C 177 3.29 -24.83 -0.93
C THR C 177 3.86 -23.50 -1.43
N GLY C 178 3.30 -22.98 -2.53
CA GLY C 178 3.69 -21.68 -3.05
C GLY C 178 3.50 -20.56 -2.03
N LEU C 179 2.32 -20.50 -1.43
CA LEU C 179 2.03 -19.49 -0.43
C LEU C 179 2.96 -19.65 0.78
N GLU C 180 3.21 -20.90 1.18
CA GLU C 180 4.08 -21.17 2.31
C GLU C 180 5.54 -20.79 2.05
N GLN C 181 6.03 -21.08 0.84
CA GLN C 181 7.35 -20.65 0.44
C GLN C 181 7.48 -19.14 0.58
N GLN C 182 6.49 -18.43 0.04
CA GLN C 182 6.46 -16.98 0.13
C GLN C 182 6.48 -16.54 1.59
N ARG C 183 5.65 -17.15 2.42
CA ARG C 183 5.58 -16.79 3.83
C ARG C 183 6.93 -16.95 4.54
N ILE C 184 7.57 -18.09 4.34
CA ILE C 184 8.81 -18.39 5.07
C ILE C 184 9.94 -17.48 4.59
N LEU C 185 10.03 -17.27 3.29
CA LEU C 185 11.03 -16.37 2.72
C LEU C 185 10.87 -14.94 3.25
N THR C 186 9.65 -14.43 3.24
CA THR C 186 9.42 -13.06 3.67
C THR C 186 9.66 -12.90 5.18
N GLU C 187 9.28 -13.91 5.95
CA GLU C 187 9.54 -13.88 7.39
C GLU C 187 11.04 -13.89 7.69
N GLU C 188 11.81 -14.52 6.81
CA GLU C 188 13.27 -14.55 6.94
C GLU C 188 13.93 -13.29 6.38
N GLY C 189 13.13 -12.38 5.83
CA GLY C 189 13.62 -11.05 5.49
C GLY C 189 13.83 -10.82 4.00
N VAL C 190 13.37 -11.77 3.19
CA VAL C 190 13.40 -11.58 1.73
C VAL C 190 12.32 -10.61 1.27
N ASP C 191 12.73 -9.64 0.45
CA ASP C 191 11.79 -8.78 -0.26
C ASP C 191 10.84 -9.60 -1.14
N PRO C 192 9.53 -9.48 -0.90
CA PRO C 192 8.54 -10.25 -1.65
C PRO C 192 8.75 -10.11 -3.16
N GLY C 193 9.26 -8.95 -3.58
CA GLY C 193 9.47 -8.66 -5.00
C GLY C 193 10.72 -9.29 -5.57
N LYS C 194 11.46 -10.01 -4.73
CA LYS C 194 12.61 -10.77 -5.19
C LYS C 194 12.30 -12.26 -5.27
N ILE C 195 11.01 -12.59 -5.28
CA ILE C 195 10.55 -13.98 -5.29
C ILE C 195 9.62 -14.22 -6.47
N LEU C 196 9.92 -15.26 -7.25
CA LEU C 196 8.97 -15.81 -8.22
C LEU C 196 8.45 -17.14 -7.70
N ILE C 197 7.15 -17.18 -7.39
CA ILE C 197 6.52 -18.42 -6.97
C ILE C 197 6.05 -19.22 -8.18
N GLY C 198 6.65 -20.40 -8.37
CA GLY C 198 6.56 -21.11 -9.64
C GLY C 198 5.33 -22.00 -9.75
N HIS C 199 4.86 -22.16 -10.98
CA HIS C 199 3.94 -23.23 -11.36
C HIS C 199 2.52 -22.95 -10.93
N LEU C 200 2.23 -21.71 -10.57
CA LEU C 200 0.87 -21.29 -10.27
C LEU C 200 -0.04 -21.36 -11.49
N GLY C 201 0.57 -21.37 -12.68
CA GLY C 201 -0.19 -21.53 -13.92
C GLY C 201 -0.79 -22.90 -14.07
N ASP C 202 -0.43 -23.82 -13.18
CA ASP C 202 -0.94 -25.19 -13.21
C ASP C 202 -2.37 -25.28 -12.69
N THR C 203 -2.87 -24.18 -12.13
CA THR C 203 -4.25 -24.16 -11.63
C THR C 203 -5.04 -23.03 -12.29
N ASP C 204 -6.35 -23.19 -12.37
CA ASP C 204 -7.22 -22.08 -12.73
C ASP C 204 -7.88 -21.47 -11.50
N ASN C 205 -7.42 -21.86 -10.32
CA ASN C 205 -7.87 -21.22 -9.09
C ASN C 205 -7.25 -19.83 -8.91
N ILE C 206 -7.86 -18.82 -9.54
CA ILE C 206 -7.25 -17.49 -9.62
C ILE C 206 -7.23 -16.79 -8.27
N ASP C 207 -8.17 -17.14 -7.40
CA ASP C 207 -8.18 -16.58 -6.05
C ASP C 207 -6.90 -16.92 -5.31
N TYR C 208 -6.44 -18.16 -5.44
CA TYR C 208 -5.18 -18.57 -4.83
C TYR C 208 -4.00 -17.84 -5.47
N ILE C 209 -3.97 -17.78 -6.79
CA ILE C 209 -2.89 -17.11 -7.50
C ILE C 209 -2.78 -15.64 -7.09
N LYS C 210 -3.90 -14.94 -7.06
CA LYS C 210 -3.91 -13.53 -6.68
C LYS C 210 -3.43 -13.31 -5.25
N LYS C 211 -3.69 -14.29 -4.39
CA LYS C 211 -3.25 -14.21 -3.00
C LYS C 211 -1.75 -13.98 -2.92
N ILE C 212 -1.01 -14.74 -3.73
CA ILE C 212 0.44 -14.64 -3.72
C ILE C 212 0.89 -13.30 -4.31
N ALA C 213 0.30 -12.92 -5.44
CA ALA C 213 0.59 -11.63 -6.05
C ALA C 213 0.31 -10.48 -5.08
N ASP C 214 -0.81 -10.57 -4.37
CA ASP C 214 -1.20 -9.52 -3.43
C ASP C 214 -0.17 -9.35 -2.33
N LYS C 215 0.56 -10.42 -2.01
CA LYS C 215 1.60 -10.37 -0.98
C LYS C 215 2.94 -9.91 -1.54
N GLY C 216 2.99 -9.67 -2.85
CA GLY C 216 4.05 -8.83 -3.42
C GLY C 216 5.05 -9.57 -4.29
N SER C 217 4.79 -10.86 -4.52
CA SER C 217 5.72 -11.69 -5.29
C SER C 217 5.23 -11.94 -6.72
N PHE C 218 6.17 -12.19 -7.62
CA PHE C 218 5.81 -12.60 -8.97
C PHE C 218 5.17 -13.98 -8.99
N ILE C 219 4.25 -14.17 -9.94
CA ILE C 219 3.52 -15.43 -10.03
C ILE C 219 3.87 -16.13 -11.34
N GLY C 220 4.21 -17.41 -11.24
CA GLY C 220 4.78 -18.13 -12.37
C GLY C 220 3.71 -18.85 -13.17
N LEU C 221 3.25 -18.19 -14.24
CA LEU C 221 2.41 -18.87 -15.21
C LEU C 221 3.28 -19.53 -16.27
N ASP C 222 3.96 -20.61 -15.89
CA ASP C 222 5.32 -20.87 -16.38
C ASP C 222 5.48 -22.27 -16.96
N ARG C 223 4.37 -22.95 -17.22
CA ARG C 223 4.41 -24.29 -17.79
C ARG C 223 3.51 -24.44 -19.01
N TYR C 224 3.44 -23.41 -19.83
CA TYR C 224 2.68 -23.45 -21.08
C TYR C 224 3.11 -24.60 -21.96
N GLY C 225 2.17 -25.47 -22.32
CA GLY C 225 2.46 -26.63 -23.15
C GLY C 225 2.32 -27.93 -22.37
N LEU C 226 2.48 -27.85 -21.06
CA LEU C 226 2.37 -29.03 -20.22
C LEU C 226 0.90 -29.29 -19.86
N ASP C 227 0.20 -29.90 -20.80
CA ASP C 227 -1.25 -30.02 -20.72
C ASP C 227 -1.67 -30.92 -19.57
N LEU C 228 -0.80 -31.87 -19.23
CA LEU C 228 -1.09 -32.81 -18.15
C LEU C 228 -1.26 -32.09 -16.81
N PHE C 229 -0.69 -30.89 -16.70
CA PHE C 229 -0.87 -30.07 -15.51
C PHE C 229 -2.07 -29.13 -15.66
N LEU C 230 -2.09 -28.38 -16.76
CA LEU C 230 -3.27 -27.64 -17.17
C LEU C 230 -3.21 -27.31 -18.65
N PRO C 231 -4.30 -27.57 -19.37
CA PRO C 231 -4.35 -27.38 -20.82
C PRO C 231 -4.09 -25.93 -21.23
N VAL C 232 -3.54 -25.73 -22.43
CA VAL C 232 -3.17 -24.40 -22.89
C VAL C 232 -4.33 -23.40 -22.85
N ASP C 233 -5.52 -23.86 -23.19
CA ASP C 233 -6.65 -22.94 -23.32
C ASP C 233 -7.10 -22.39 -21.96
N LYS C 234 -7.08 -23.24 -20.94
CA LYS C 234 -7.39 -22.82 -19.57
C LYS C 234 -6.31 -21.91 -18.97
N ARG C 235 -5.06 -22.21 -19.30
CA ARG C 235 -3.96 -21.33 -18.95
C ARG C 235 -4.19 -19.94 -19.53
N ASN C 236 -4.48 -19.90 -20.83
CA ASN C 236 -4.73 -18.63 -21.51
C ASN C 236 -5.89 -17.84 -20.90
N GLU C 237 -6.95 -18.55 -20.54
CA GLU C 237 -8.12 -17.91 -19.96
C GLU C 237 -7.76 -17.32 -18.61
N THR C 238 -6.90 -18.03 -17.87
CA THR C 238 -6.45 -17.60 -16.57
C THR C 238 -5.51 -16.39 -16.70
N THR C 239 -4.56 -16.49 -17.63
CA THR C 239 -3.66 -15.39 -17.92
C THR C 239 -4.43 -14.13 -18.30
N LEU C 240 -5.39 -14.27 -19.21
CA LEU C 240 -6.18 -13.13 -19.66
C LEU C 240 -6.93 -12.49 -18.50
N ARG C 241 -7.55 -13.32 -17.67
CA ARG C 241 -8.35 -12.83 -16.56
CA ARG C 241 -8.35 -12.83 -16.56
C ARG C 241 -7.49 -12.07 -15.55
N LEU C 242 -6.30 -12.60 -15.27
CA LEU C 242 -5.37 -11.94 -14.36
C LEU C 242 -4.93 -10.57 -14.89
N ILE C 243 -4.60 -10.51 -16.18
CA ILE C 243 -4.31 -9.23 -16.83
C ILE C 243 -5.48 -8.24 -16.72
N LYS C 244 -6.69 -8.70 -17.02
CA LYS C 244 -7.86 -7.84 -16.97
C LYS C 244 -8.13 -7.34 -15.54
N ASP C 245 -7.78 -8.16 -14.56
CA ASP C 245 -8.00 -7.80 -13.16
C ASP C 245 -6.84 -7.00 -12.57
N GLY C 246 -5.82 -6.74 -13.39
CA GLY C 246 -4.83 -5.72 -13.07
C GLY C 246 -3.49 -6.27 -12.59
N TYR C 247 -3.20 -7.52 -12.92
CA TYR C 247 -2.09 -8.23 -12.30
C TYR C 247 -0.87 -8.36 -13.22
N SER C 248 -0.85 -7.63 -14.32
CA SER C 248 0.18 -7.82 -15.33
CA SER C 248 0.18 -7.79 -15.33
C SER C 248 1.58 -7.57 -14.76
N ASP C 249 1.67 -6.72 -13.74
CA ASP C 249 2.97 -6.37 -13.17
C ASP C 249 3.44 -7.36 -12.10
N LYS C 250 2.72 -8.48 -11.99
CA LYS C 250 3.19 -9.60 -11.18
C LYS C 250 3.35 -10.88 -12.01
N ILE C 251 2.89 -10.82 -13.26
CA ILE C 251 2.83 -12.02 -14.09
C ILE C 251 4.19 -12.29 -14.73
N MET C 252 4.64 -13.54 -14.63
CA MET C 252 5.70 -14.03 -15.49
C MET C 252 5.27 -15.28 -16.23
N ILE C 253 5.70 -15.42 -17.48
CA ILE C 253 5.19 -16.46 -18.35
C ILE C 253 6.36 -17.20 -18.97
N SER C 254 6.25 -18.53 -19.00
CA SER C 254 7.28 -19.38 -19.59
C SER C 254 6.72 -20.76 -19.87
N HIS C 255 7.58 -21.68 -20.31
CA HIS C 255 7.13 -23.02 -20.70
C HIS C 255 7.62 -24.11 -19.77
N ASP C 256 8.66 -23.83 -19.00
CA ASP C 256 9.35 -24.87 -18.25
C ASP C 256 9.85 -25.96 -19.19
N TYR C 257 10.13 -25.57 -20.44
CA TYR C 257 10.47 -26.57 -21.45
C TYR C 257 11.81 -27.21 -21.12
N CYS C 258 11.86 -28.53 -21.23
CA CYS C 258 13.12 -29.27 -21.09
C CYS C 258 13.56 -29.79 -22.46
N CYS C 259 14.66 -29.26 -22.96
CA CYS C 259 15.08 -29.60 -24.31
C CYS C 259 15.46 -31.08 -24.38
N THR C 260 16.03 -31.57 -23.28
CA THR C 260 15.96 -32.99 -22.94
C THR C 260 15.64 -33.18 -21.47
N ILE C 261 14.88 -34.23 -21.17
CA ILE C 261 14.68 -34.67 -19.78
C ILE C 261 14.55 -36.19 -19.73
N ASP C 262 15.09 -36.79 -18.66
CA ASP C 262 15.39 -38.22 -18.68
C ASP C 262 14.30 -39.07 -18.01
N ILE C 263 13.27 -38.42 -17.47
CA ILE C 263 12.21 -39.16 -16.77
C ILE C 263 11.33 -39.95 -17.74
N GLY C 264 10.83 -41.09 -17.28
CA GLY C 264 10.07 -42.00 -18.13
C GLY C 264 8.77 -41.38 -18.63
N THR C 265 8.25 -40.41 -17.89
CA THR C 265 7.06 -39.67 -18.30
C THR C 265 7.24 -38.96 -19.65
N ALA C 266 8.48 -38.71 -20.01
CA ALA C 266 8.79 -37.90 -21.19
C ALA C 266 9.11 -38.78 -22.39
N LYS C 267 8.84 -40.08 -22.28
CA LYS C 267 8.91 -40.97 -23.42
C LYS C 267 8.04 -40.45 -24.56
N PRO C 268 8.56 -40.51 -25.80
CA PRO C 268 7.92 -39.91 -26.97
C PRO C 268 6.45 -40.33 -27.12
N GLU C 269 6.13 -41.55 -26.72
CA GLU C 269 4.79 -42.08 -26.93
C GLU C 269 3.75 -41.42 -26.02
N TYR C 270 4.22 -40.77 -24.96
CA TYR C 270 3.32 -40.08 -24.04
C TYR C 270 3.10 -38.62 -24.43
N LYS C 271 3.90 -38.12 -25.37
CA LYS C 271 3.91 -36.69 -25.69
C LYS C 271 2.55 -36.23 -26.22
N PRO C 272 2.01 -36.94 -27.22
CA PRO C 272 0.71 -36.57 -27.80
C PRO C 272 -0.37 -36.36 -26.73
N LYS C 273 -0.36 -37.17 -25.68
CA LYS C 273 -1.38 -37.07 -24.64
C LYS C 273 -1.05 -35.98 -23.63
N LEU C 274 0.21 -35.92 -23.21
CA LEU C 274 0.58 -35.18 -22.01
C LEU C 274 0.97 -33.73 -22.31
N ALA C 275 1.58 -33.52 -23.47
CA ALA C 275 2.24 -32.24 -23.76
C ALA C 275 2.45 -32.08 -25.27
N PRO C 276 1.34 -32.17 -26.04
CA PRO C 276 1.44 -32.26 -27.49
C PRO C 276 2.19 -31.09 -28.13
N ARG C 277 2.00 -29.89 -27.61
CA ARG C 277 2.56 -28.70 -28.27
C ARG C 277 3.68 -28.05 -27.45
N TRP C 278 4.11 -28.77 -26.42
CA TRP C 278 5.16 -28.31 -25.51
C TRP C 278 6.44 -28.02 -26.28
N SER C 279 6.87 -26.76 -26.25
CA SER C 279 8.19 -26.39 -26.72
C SER C 279 8.61 -25.04 -26.14
N ILE C 280 9.80 -24.59 -26.48
CA ILE C 280 10.33 -23.35 -25.95
C ILE C 280 9.74 -22.10 -26.62
N THR C 281 8.91 -22.31 -27.64
CA THR C 281 8.34 -21.17 -28.38
C THR C 281 6.81 -21.18 -28.49
N LEU C 282 6.16 -22.03 -27.70
CA LEU C 282 4.71 -22.16 -27.80
C LEU C 282 3.99 -20.83 -27.56
N ILE C 283 4.48 -20.03 -26.63
CA ILE C 283 3.79 -18.78 -26.29
C ILE C 283 3.78 -17.80 -27.46
N PHE C 284 4.74 -17.95 -28.37
CA PHE C 284 4.80 -17.09 -29.55
C PHE C 284 3.80 -17.56 -30.60
N GLU C 285 3.49 -18.86 -30.55
CA GLU C 285 2.63 -19.48 -31.54
C GLU C 285 1.17 -19.38 -31.12
N ASP C 286 0.94 -19.30 -29.81
CA ASP C 286 -0.40 -19.45 -29.27
C ASP C 286 -0.76 -18.29 -28.35
N THR C 287 -0.06 -18.19 -27.23
CA THR C 287 -0.50 -17.36 -26.12
C THR C 287 -0.50 -15.88 -26.47
N ILE C 288 0.62 -15.39 -27.01
CA ILE C 288 0.74 -13.96 -27.29
C ILE C 288 -0.23 -13.51 -28.37
N PRO C 289 -0.31 -14.27 -29.48
CA PRO C 289 -1.37 -14.00 -30.46
C PRO C 289 -2.77 -14.00 -29.85
N PHE C 290 -3.06 -14.98 -29.00
CA PHE C 290 -4.36 -15.06 -28.34
C PHE C 290 -4.64 -13.78 -27.54
N LEU C 291 -3.65 -13.36 -26.74
CA LEU C 291 -3.80 -12.17 -25.92
C LEU C 291 -4.08 -10.94 -26.77
N LYS C 292 -3.36 -10.81 -27.89
CA LYS C 292 -3.45 -9.60 -28.71
C LYS C 292 -4.81 -9.44 -29.38
N ARG C 293 -5.45 -10.55 -29.72
CA ARG C 293 -6.78 -10.45 -30.33
C ARG C 293 -7.89 -10.54 -29.28
N ASN C 294 -7.51 -10.50 -28.02
CA ASN C 294 -8.47 -10.36 -26.93
C ASN C 294 -8.23 -9.11 -26.09
N GLY C 295 -7.72 -8.07 -26.74
CA GLY C 295 -7.80 -6.72 -26.21
C GLY C 295 -6.58 -6.32 -25.41
N VAL C 296 -5.57 -7.19 -25.38
CA VAL C 296 -4.37 -6.93 -24.59
C VAL C 296 -3.38 -6.07 -25.36
N ASN C 297 -3.06 -4.90 -24.78
CA ASN C 297 -2.16 -3.94 -25.42
C ASN C 297 -0.71 -4.43 -25.41
N GLU C 298 0.05 -4.03 -26.42
CA GLU C 298 1.48 -4.35 -26.48
C GLU C 298 2.20 -4.00 -25.19
N GLU C 299 1.76 -2.93 -24.53
CA GLU C 299 2.40 -2.50 -23.28
C GLU C 299 2.38 -3.59 -22.21
N VAL C 300 1.33 -4.40 -22.19
CA VAL C 300 1.23 -5.50 -21.24
C VAL C 300 2.25 -6.59 -21.57
N ILE C 301 2.38 -6.90 -22.84
CA ILE C 301 3.40 -7.84 -23.32
C ILE C 301 4.81 -7.40 -22.91
N ALA C 302 5.12 -6.14 -23.18
CA ALA C 302 6.39 -5.55 -22.73
C ALA C 302 6.58 -5.70 -21.22
N THR C 303 5.52 -5.47 -20.46
CA THR C 303 5.60 -5.54 -19.00
C THR C 303 5.97 -6.95 -18.54
N ILE C 304 5.29 -7.95 -19.07
CA ILE C 304 5.47 -9.32 -18.62
C ILE C 304 6.86 -9.86 -18.98
N PHE C 305 7.32 -9.56 -20.19
CA PHE C 305 8.48 -10.25 -20.73
C PHE C 305 9.77 -9.42 -20.65
N LYS C 306 9.64 -8.12 -20.34
CA LYS C 306 10.80 -7.25 -20.18
C LYS C 306 10.86 -6.59 -18.81
N GLU C 307 9.82 -5.85 -18.46
CA GLU C 307 9.84 -5.05 -17.25
C GLU C 307 9.91 -5.93 -16.00
N ASN C 308 9.13 -7.00 -15.99
CA ASN C 308 9.04 -7.84 -14.80
C ASN C 308 10.35 -8.60 -14.52
N PRO C 309 10.91 -9.25 -15.54
CA PRO C 309 12.26 -9.80 -15.41
C PRO C 309 13.30 -8.77 -14.97
N LYS C 310 13.22 -7.56 -15.53
CA LYS C 310 14.12 -6.48 -15.13
C LYS C 310 14.00 -6.16 -13.64
N LYS C 311 12.78 -5.92 -13.18
CA LYS C 311 12.52 -5.67 -11.76
C LYS C 311 13.04 -6.81 -10.89
N PHE C 312 12.63 -8.03 -11.23
CA PHE C 312 13.08 -9.24 -10.54
C PHE C 312 14.59 -9.24 -10.26
N PHE C 313 15.38 -8.84 -11.27
CA PHE C 313 16.83 -8.95 -11.19
C PHE C 313 17.48 -7.63 -10.78
N SER C 314 16.66 -6.70 -10.30
CA SER C 314 17.16 -5.37 -9.92
C SER C 314 17.20 -5.21 -8.40
N MET D 1 -11.63 0.68 -22.88
CA MET D 1 -10.93 1.79 -23.57
C MET D 1 -11.32 3.16 -22.98
N ARG D 2 -10.40 4.11 -23.07
CA ARG D 2 -10.23 5.12 -22.03
C ARG D 2 -9.69 6.43 -22.60
N ILE D 3 -8.60 6.35 -23.35
CA ILE D 3 -8.06 7.52 -24.05
C ILE D 3 -8.14 7.30 -25.56
N PRO D 4 -8.80 8.23 -26.27
CA PRO D 4 -8.83 8.19 -27.73
C PRO D 4 -7.44 8.44 -28.31
N LEU D 5 -7.10 7.71 -29.36
CA LEU D 5 -5.82 7.92 -30.05
C LEU D 5 -6.04 8.25 -31.52
N VAL D 6 -5.16 9.07 -32.08
CA VAL D 6 -5.21 9.36 -33.51
C VAL D 6 -4.81 8.12 -34.31
N GLY D 7 -5.70 7.69 -35.20
CA GLY D 7 -5.40 6.61 -36.12
C GLY D 7 -5.30 5.24 -35.47
N LYS D 8 -5.82 5.13 -34.24
CA LYS D 8 -5.73 3.89 -33.49
C LYS D 8 -6.98 3.70 -32.65
N ASP D 9 -7.28 2.44 -32.29
CA ASP D 9 -8.27 2.16 -31.28
C ASP D 9 -7.88 2.80 -29.95
N SER D 10 -8.89 3.23 -29.19
CA SER D 10 -8.64 3.83 -27.89
C SER D 10 -7.97 2.84 -26.95
N ILE D 11 -7.24 3.37 -25.97
CA ILE D 11 -6.53 2.53 -25.02
C ILE D 11 -7.00 2.81 -23.59
N GLU D 12 -6.97 1.79 -22.74
CA GLU D 12 -7.10 2.01 -21.31
C GLU D 12 -5.95 2.91 -20.83
N SER D 13 -6.26 3.81 -19.91
CA SER D 13 -5.25 4.75 -19.44
C SER D 13 -4.09 4.02 -18.77
N LYS D 14 -4.37 2.85 -18.21
CA LYS D 14 -3.34 2.02 -17.59
C LYS D 14 -2.27 1.56 -18.59
N ASP D 15 -2.59 1.60 -19.89
CA ASP D 15 -1.68 1.09 -20.91
C ASP D 15 -0.89 2.20 -21.60
N ILE D 16 -0.97 3.42 -21.05
CA ILE D 16 -0.42 4.59 -21.72
C ILE D 16 1.11 4.53 -21.82
N GLY D 17 1.74 3.87 -20.85
CA GLY D 17 3.20 3.74 -20.83
C GLY D 17 3.92 5.07 -20.72
N PHE D 18 5.22 5.07 -21.03
CA PHE D 18 6.03 6.28 -20.91
C PHE D 18 5.51 7.36 -21.85
N THR D 19 5.17 8.52 -21.28
CA THR D 19 4.41 9.53 -22.00
C THR D 19 5.16 10.86 -22.00
N LEU D 20 5.20 11.51 -23.16
CA LEU D 20 5.49 12.94 -23.22
C LEU D 20 4.20 13.73 -23.31
N ILE D 21 3.93 14.54 -22.28
CA ILE D 21 2.58 15.08 -22.07
C ILE D 21 2.31 16.36 -22.86
N HIS D 22 3.35 16.94 -23.45
CA HIS D 22 3.21 18.23 -24.15
C HIS D 22 4.27 18.41 -25.22
N GLU D 23 3.99 17.90 -26.42
CA GLU D 23 4.84 18.13 -27.57
C GLU D 23 3.97 18.44 -28.80
N HIS D 24 4.57 19.07 -29.81
CA HIS D 24 3.83 19.47 -31.02
C HIS D 24 4.47 18.88 -32.26
N LEU D 25 3.71 18.09 -33.01
CA LEU D 25 4.18 17.62 -34.32
C LEU D 25 4.39 18.78 -35.29
N ARG D 26 3.47 19.74 -35.27
CA ARG D 26 3.56 20.91 -36.14
C ARG D 26 2.73 22.06 -35.61
N VAL D 27 3.30 23.26 -35.61
CA VAL D 27 2.57 24.48 -35.24
C VAL D 27 2.63 25.50 -36.38
N PHE D 28 1.47 26.05 -36.74
CA PHE D 28 1.41 27.17 -37.68
C PHE D 28 0.20 28.07 -37.43
N SER D 29 0.29 29.31 -37.90
CA SER D 29 -0.84 30.23 -37.91
C SER D 29 -1.79 29.89 -39.05
N GLU D 30 -3.02 29.55 -38.69
CA GLU D 30 -4.02 29.09 -39.66
C GLU D 30 -4.21 30.09 -40.80
N ALA D 31 -4.38 31.36 -40.45
CA ALA D 31 -4.69 32.36 -41.47
C ALA D 31 -3.52 32.52 -42.43
N VAL D 32 -2.31 32.49 -41.90
CA VAL D 32 -1.12 32.70 -42.71
C VAL D 32 -0.91 31.55 -43.69
N ARG D 33 -1.07 30.32 -43.22
CA ARG D 33 -0.91 29.16 -44.09
C ARG D 33 -1.98 29.11 -45.16
N GLN D 34 -3.20 29.51 -44.81
CA GLN D 34 -4.28 29.57 -45.78
C GLN D 34 -4.02 30.60 -46.88
N GLN D 35 -3.50 31.75 -46.49
CA GLN D 35 -3.36 32.88 -47.42
C GLN D 35 -2.05 32.83 -48.20
N TRP D 36 -1.03 32.23 -47.60
CA TRP D 36 0.30 32.18 -48.22
C TRP D 36 0.94 30.81 -48.09
N PRO D 37 0.39 29.82 -48.80
CA PRO D 37 0.92 28.45 -48.76
C PRO D 37 2.37 28.36 -49.20
N HIS D 38 2.83 29.33 -50.00
CA HIS D 38 4.19 29.29 -50.54
C HIS D 38 5.23 29.33 -49.44
N LEU D 39 4.81 29.73 -48.24
CA LEU D 39 5.72 29.84 -47.09
C LEU D 39 6.04 28.49 -46.48
N TYR D 40 5.24 27.47 -46.82
CA TYR D 40 5.26 26.23 -46.06
C TYR D 40 5.73 25.06 -46.92
N ASN D 41 6.41 24.12 -46.29
CA ASN D 41 6.89 22.92 -46.99
C ASN D 41 6.42 21.66 -46.28
N GLU D 42 5.39 21.01 -46.84
CA GLU D 42 4.70 19.92 -46.16
C GLU D 42 5.59 18.69 -46.03
N ASP D 43 6.44 18.46 -47.01
CA ASP D 43 7.33 17.30 -47.00
C ASP D 43 8.36 17.42 -45.89
N GLU D 44 8.94 18.61 -45.75
CA GLU D 44 9.84 18.89 -44.64
C GLU D 44 9.15 18.74 -43.30
N GLU D 45 7.92 19.25 -43.20
CA GLU D 45 7.17 19.14 -41.95
C GLU D 45 6.94 17.69 -41.56
N PHE D 46 6.57 16.86 -42.54
CA PHE D 46 6.35 15.45 -42.31
C PHE D 46 7.62 14.72 -41.88
N ARG D 47 8.70 14.90 -42.65
CA ARG D 47 9.97 14.28 -42.33
C ARG D 47 10.44 14.65 -40.92
N ASN D 48 10.39 15.93 -40.60
CA ASN D 48 10.79 16.41 -39.27
C ASN D 48 10.02 15.72 -38.16
N ALA D 49 8.71 15.69 -38.29
CA ALA D 49 7.84 15.08 -37.28
C ALA D 49 8.13 13.59 -37.14
N VAL D 50 8.28 12.90 -38.26
CA VAL D 50 8.50 11.46 -38.24
C VAL D 50 9.87 11.13 -37.64
N ASN D 51 10.88 11.92 -38.00
CA ASN D 51 12.22 11.72 -37.47
C ASN D 51 12.28 11.91 -35.96
N GLU D 52 11.64 12.97 -35.46
CA GLU D 52 11.64 13.25 -34.03
C GLU D 52 10.89 12.15 -33.27
N VAL D 53 9.69 11.82 -33.73
CA VAL D 53 8.88 10.80 -33.08
C VAL D 53 9.60 9.46 -33.03
N LYS D 54 10.26 9.10 -34.11
CA LYS D 54 11.00 7.84 -34.17
C LYS D 54 12.12 7.80 -33.13
N ARG D 55 12.82 8.93 -32.96
CA ARG D 55 13.92 8.97 -32.01
C ARG D 55 13.40 8.94 -30.58
N ALA D 56 12.28 9.61 -30.33
CA ALA D 56 11.61 9.51 -29.03
C ALA D 56 11.24 8.06 -28.72
N MET D 57 10.79 7.32 -29.72
CA MET D 57 10.37 5.95 -29.52
C MET D 57 11.56 5.04 -29.22
N GLN D 58 12.69 5.34 -29.83
CA GLN D 58 13.93 4.63 -29.52
C GLN D 58 14.35 4.80 -28.06
N PHE D 59 13.98 5.93 -27.46
CA PHE D 59 14.27 6.17 -26.04
C PHE D 59 13.20 5.60 -25.12
N GLY D 60 12.16 5.00 -25.71
CA GLY D 60 11.17 4.26 -24.93
C GLY D 60 9.86 4.99 -24.73
N VAL D 61 9.70 6.14 -25.38
CA VAL D 61 8.43 6.86 -25.36
C VAL D 61 7.33 6.06 -26.06
N LYS D 62 6.22 5.84 -25.37
CA LYS D 62 5.11 5.07 -25.95
C LYS D 62 4.01 5.98 -26.46
N THR D 63 3.77 7.06 -25.74
CA THR D 63 2.63 7.93 -26.00
C THR D 63 3.10 9.37 -26.03
N ILE D 64 2.58 10.15 -26.98
CA ILE D 64 2.82 11.58 -27.03
C ILE D 64 1.48 12.32 -27.02
N VAL D 65 1.36 13.29 -26.13
CA VAL D 65 0.17 14.13 -26.07
C VAL D 65 0.45 15.47 -26.74
N ASP D 66 -0.36 15.82 -27.73
CA ASP D 66 -0.07 16.94 -28.61
C ASP D 66 -1.18 17.98 -28.53
N PRO D 67 -0.93 19.07 -27.79
CA PRO D 67 -1.97 20.07 -27.52
C PRO D 67 -1.99 21.19 -28.56
N THR D 68 -1.68 20.85 -29.82
CA THR D 68 -1.99 21.69 -30.95
C THR D 68 -3.49 21.77 -31.19
N VAL D 69 -4.07 22.95 -30.99
CA VAL D 69 -5.49 23.17 -31.18
C VAL D 69 -5.71 24.44 -32.01
N MET D 70 -6.95 24.90 -32.11
CA MET D 70 -7.25 26.12 -32.83
C MET D 70 -6.35 27.27 -32.37
N GLY D 71 -5.63 27.88 -33.31
CA GLY D 71 -4.70 28.95 -33.00
C GLY D 71 -3.26 28.48 -33.10
N LEU D 72 -3.08 27.16 -33.17
CA LEU D 72 -1.76 26.56 -33.32
C LEU D 72 -1.66 25.71 -34.58
N GLY D 73 -2.75 25.59 -35.31
CA GLY D 73 -2.72 24.91 -36.60
C GLY D 73 -3.00 23.42 -36.53
N ARG D 74 -3.84 23.02 -35.58
CA ARG D 74 -4.21 21.61 -35.47
C ARG D 74 -4.60 21.04 -36.84
N ASP D 75 -4.04 19.87 -37.17
CA ASP D 75 -4.39 19.20 -38.40
C ASP D 75 -4.42 17.68 -38.22
N ILE D 76 -5.62 17.14 -38.05
CA ILE D 76 -5.80 15.75 -37.61
C ILE D 76 -5.31 14.77 -38.68
N ARG D 77 -5.37 15.18 -39.95
CA ARG D 77 -4.96 14.28 -41.04
C ARG D 77 -3.43 14.20 -41.16
N PHE D 78 -2.76 15.32 -40.91
CA PHE D 78 -1.31 15.32 -40.76
C PHE D 78 -0.89 14.42 -39.60
N MET D 79 -1.58 14.56 -38.48
CA MET D 79 -1.31 13.71 -37.31
C MET D 79 -1.47 12.22 -37.64
N GLU D 80 -2.52 11.90 -38.40
CA GLU D 80 -2.76 10.52 -38.81
C GLU D 80 -1.61 9.96 -39.63
N LYS D 81 -1.11 10.76 -40.58
CA LYS D 81 0.00 10.34 -41.43
C LYS D 81 1.24 10.04 -40.58
N VAL D 82 1.47 10.86 -39.57
CA VAL D 82 2.64 10.66 -38.71
C VAL D 82 2.51 9.38 -37.89
N VAL D 83 1.33 9.13 -37.33
CA VAL D 83 1.03 7.87 -36.65
C VAL D 83 1.25 6.66 -37.55
N LYS D 84 0.78 6.75 -38.79
CA LYS D 84 0.95 5.65 -39.74
C LYS D 84 2.42 5.34 -39.96
N ALA D 85 3.26 6.36 -39.92
CA ALA D 85 4.66 6.22 -40.30
C ALA D 85 5.55 5.78 -39.13
N THR D 86 5.00 5.83 -37.92
CA THR D 86 5.82 5.68 -36.71
C THR D 86 5.26 4.65 -35.73
N GLY D 87 3.94 4.57 -35.64
CA GLY D 87 3.28 3.67 -34.70
C GLY D 87 3.15 4.23 -33.30
N ILE D 88 3.46 5.50 -33.12
CA ILE D 88 3.30 6.17 -31.83
C ILE D 88 1.83 6.19 -31.41
N ASN D 89 1.57 6.02 -30.12
CA ASN D 89 0.31 6.46 -29.51
C ASN D 89 0.24 7.99 -29.48
N LEU D 90 -0.70 8.58 -30.22
CA LEU D 90 -0.84 10.03 -30.25
C LEU D 90 -2.19 10.45 -29.71
N VAL D 91 -2.19 11.30 -28.70
CA VAL D 91 -3.42 11.90 -28.19
C VAL D 91 -3.59 13.33 -28.70
N ALA D 92 -4.62 13.55 -29.51
CA ALA D 92 -5.00 14.89 -29.96
C ALA D 92 -6.04 15.49 -29.01
N GLY D 93 -6.13 16.82 -29.02
CA GLY D 93 -7.10 17.51 -28.18
C GLY D 93 -7.96 18.49 -28.95
N THR D 94 -8.80 19.20 -28.21
CA THR D 94 -9.56 20.30 -28.75
C THR D 94 -9.34 21.51 -27.86
N GLY D 95 -9.92 22.65 -28.23
CA GLY D 95 -9.77 23.85 -27.43
C GLY D 95 -9.46 25.06 -28.28
N ILE D 96 -9.12 26.16 -27.63
CA ILE D 96 -8.78 27.39 -28.30
C ILE D 96 -7.57 28.02 -27.63
N TYR D 97 -6.59 28.40 -28.45
CA TYR D 97 -5.36 29.00 -27.97
C TYR D 97 -5.34 30.47 -28.36
N ILE D 98 -5.62 31.35 -27.41
CA ILE D 98 -5.58 32.79 -27.63
C ILE D 98 -4.90 33.52 -26.46
N TYR D 99 -4.32 34.67 -26.75
CA TYR D 99 -3.74 35.53 -25.71
C TYR D 99 -4.62 36.73 -25.37
N ILE D 100 -5.42 37.17 -26.33
CA ILE D 100 -6.18 38.41 -26.17
C ILE D 100 -7.65 38.22 -26.49
N ASP D 101 -7.99 38.26 -27.77
CA ASP D 101 -9.38 38.16 -28.21
C ASP D 101 -9.63 36.86 -28.96
N LEU D 102 -10.89 36.43 -28.97
CA LEU D 102 -11.33 35.37 -29.87
C LEU D 102 -11.39 35.84 -31.31
N PRO D 103 -11.30 34.90 -32.26
CA PRO D 103 -11.62 35.19 -33.65
C PRO D 103 -12.99 35.88 -33.76
N PHE D 104 -13.15 36.72 -34.78
CA PHE D 104 -14.39 37.44 -35.02
C PHE D 104 -15.62 36.52 -35.05
N TYR D 105 -15.43 35.29 -35.53
CA TYR D 105 -16.51 34.31 -35.52
C TYR D 105 -17.34 34.44 -34.24
N PHE D 106 -16.67 34.73 -33.13
CA PHE D 106 -17.24 34.53 -31.80
C PHE D 106 -17.96 35.76 -31.27
N LEU D 107 -17.99 36.82 -32.07
CA LEU D 107 -18.80 37.99 -31.76
C LEU D 107 -20.27 37.61 -31.53
N ASN D 108 -20.81 38.02 -30.39
CA ASN D 108 -22.18 37.69 -30.03
C ASN D 108 -22.46 36.19 -30.07
N ARG D 109 -21.48 35.40 -29.66
CA ARG D 109 -21.72 34.00 -29.35
C ARG D 109 -21.41 33.69 -27.89
N SER D 110 -22.11 32.71 -27.33
CA SER D 110 -22.06 32.47 -25.89
C SER D 110 -20.93 31.50 -25.53
N ILE D 111 -20.61 31.44 -24.24
CA ILE D 111 -19.69 30.44 -23.72
C ILE D 111 -20.16 29.03 -24.04
N ASP D 112 -21.48 28.83 -24.00
CA ASP D 112 -22.08 27.54 -24.35
C ASP D 112 -21.72 27.11 -25.78
N GLU D 113 -21.82 28.04 -26.73
CA GLU D 113 -21.48 27.74 -28.11
C GLU D 113 -20.04 27.31 -28.27
N ILE D 114 -19.15 27.97 -27.52
CA ILE D 114 -17.74 27.60 -27.53
C ILE D 114 -17.54 26.19 -26.99
N ALA D 115 -18.21 25.87 -25.89
CA ALA D 115 -18.11 24.55 -25.28
C ALA D 115 -18.61 23.47 -26.25
N ASP D 116 -19.66 23.77 -27.00
CA ASP D 116 -20.21 22.82 -27.96
C ASP D 116 -19.17 22.40 -29.00
N LEU D 117 -18.29 23.34 -29.36
CA LEU D 117 -17.22 23.04 -30.29
C LEU D 117 -16.29 21.99 -29.69
N PHE D 118 -15.96 22.19 -28.43
CA PHE D 118 -15.06 21.26 -27.73
C PHE D 118 -15.72 19.90 -27.60
N ILE D 119 -16.97 19.89 -27.19
CA ILE D 119 -17.70 18.64 -27.00
C ILE D 119 -17.89 17.92 -28.34
N HIS D 120 -18.11 18.68 -29.40
CA HIS D 120 -18.14 18.11 -30.74
C HIS D 120 -16.89 17.29 -31.00
N ASP D 121 -15.74 17.89 -30.74
CA ASP D 121 -14.46 17.26 -31.08
C ASP D 121 -14.22 16.01 -30.25
N ILE D 122 -14.76 16.01 -29.04
CA ILE D 122 -14.53 14.92 -28.09
C ILE D 122 -15.46 13.74 -28.41
N LYS D 123 -16.70 14.06 -28.80
CA LYS D 123 -17.76 13.06 -28.88
C LYS D 123 -18.03 12.62 -30.32
N GLU D 124 -17.91 13.56 -31.26
CA GLU D 124 -18.16 13.27 -32.67
C GLU D 124 -16.86 12.98 -33.42
N GLY D 125 -15.86 13.85 -33.20
CA GLY D 125 -14.57 13.69 -33.87
C GLY D 125 -14.03 15.00 -34.40
N ILE D 126 -12.76 14.97 -34.83
CA ILE D 126 -12.04 16.20 -35.15
C ILE D 126 -11.98 16.39 -36.67
N GLN D 127 -12.47 17.55 -37.13
CA GLN D 127 -12.27 17.98 -38.51
C GLN D 127 -12.83 16.98 -39.52
N GLY D 128 -14.00 16.42 -39.20
CA GLY D 128 -14.72 15.57 -40.13
C GLY D 128 -14.28 14.11 -40.08
N THR D 129 -13.32 13.81 -39.22
CA THR D 129 -12.90 12.42 -39.00
C THR D 129 -13.48 11.87 -37.70
N LEU D 130 -13.24 10.57 -37.46
CA LEU D 130 -13.67 9.94 -36.23
C LEU D 130 -12.54 9.82 -35.21
N ASN D 131 -11.40 10.47 -35.48
CA ASN D 131 -10.40 10.72 -34.45
C ASN D 131 -10.93 11.71 -33.41
N LYS D 132 -10.93 11.31 -32.15
CA LYS D 132 -11.59 12.12 -31.13
C LYS D 132 -10.60 12.76 -30.17
N ALA D 133 -10.98 13.92 -29.62
CA ALA D 133 -10.11 14.68 -28.74
C ALA D 133 -10.14 14.10 -27.33
N GLY D 134 -8.97 14.08 -26.69
CA GLY D 134 -8.80 13.38 -25.43
C GLY D 134 -8.62 14.33 -24.25
N PHE D 135 -8.60 15.63 -24.55
CA PHE D 135 -8.42 16.67 -23.55
C PHE D 135 -8.82 18.00 -24.16
N VAL D 136 -8.97 19.03 -23.33
CA VAL D 136 -9.14 20.40 -23.79
C VAL D 136 -7.90 21.24 -23.49
N ILE D 138 -6.29 25.12 -23.33
CA ILE D 138 -6.59 26.55 -23.26
C ILE D 138 -5.34 27.33 -22.91
N ALA D 139 -5.37 28.65 -23.10
CA ALA D 139 -4.19 29.47 -22.90
C ALA D 139 -4.49 30.80 -22.21
N ALA D 140 -3.51 31.30 -21.46
CA ALA D 140 -3.35 32.72 -21.23
C ALA D 140 -1.88 33.06 -21.16
N ASP D 141 -1.55 34.34 -21.37
CA ASP D 141 -0.17 34.75 -21.33
C ASP D 141 -0.04 36.17 -20.80
N GLU D 142 0.88 36.93 -21.40
CA GLU D 142 1.29 38.21 -20.84
C GLU D 142 0.11 39.18 -20.67
N PRO D 143 -0.84 39.16 -21.62
CA PRO D 143 -2.01 40.04 -21.50
C PRO D 143 -2.90 39.71 -20.31
N GLY D 144 -2.70 38.54 -19.71
CA GLY D 144 -3.47 38.17 -18.51
C GLY D 144 -4.80 37.52 -18.84
N ILE D 145 -5.69 37.50 -17.86
CA ILE D 145 -7.01 36.89 -18.06
C ILE D 145 -8.00 37.89 -18.65
N THR D 146 -7.93 38.05 -19.98
CA THR D 146 -8.84 38.94 -20.68
C THR D 146 -10.26 38.35 -20.68
N LYS D 147 -11.24 39.16 -21.06
CA LYS D 147 -12.62 38.70 -21.15
C LYS D 147 -12.75 37.44 -22.00
N ASP D 148 -12.14 37.43 -23.18
CA ASP D 148 -12.29 36.32 -24.11
C ASP D 148 -11.50 35.10 -23.64
N VAL D 149 -10.33 35.34 -23.08
CA VAL D 149 -9.56 34.27 -22.45
C VAL D 149 -10.38 33.59 -21.36
N GLU D 150 -11.12 34.39 -20.59
CA GLU D 150 -11.97 33.83 -19.55
C GLU D 150 -13.13 33.00 -20.10
N LYS D 151 -13.75 33.49 -21.18
CA LYS D 151 -14.78 32.75 -21.88
C LYS D 151 -14.33 31.35 -22.25
N VAL D 152 -13.11 31.26 -22.77
CA VAL D 152 -12.57 29.99 -23.20
C VAL D 152 -12.28 29.08 -22.01
N ILE D 153 -11.76 29.65 -20.93
CA ILE D 153 -11.54 28.88 -19.71
C ILE D 153 -12.85 28.27 -19.22
N ARG D 154 -13.91 29.07 -19.21
CA ARG D 154 -15.22 28.59 -18.74
C ARG D 154 -15.85 27.56 -19.68
N ALA D 155 -15.65 27.74 -20.98
CA ALA D 155 -16.05 26.74 -21.96
C ALA D 155 -15.35 25.40 -21.72
N ALA D 156 -14.06 25.46 -21.39
CA ALA D 156 -13.29 24.25 -21.10
C ALA D 156 -13.86 23.52 -19.89
N ALA D 157 -14.25 24.26 -18.86
CA ALA D 157 -14.86 23.68 -17.67
C ALA D 157 -16.15 22.94 -18.00
N ILE D 158 -16.98 23.53 -18.85
CA ILE D 158 -18.21 22.88 -19.28
C ILE D 158 -17.90 21.58 -20.02
N ALA D 159 -16.91 21.62 -20.90
CA ALA D 159 -16.53 20.45 -21.67
C ALA D 159 -16.02 19.33 -20.76
N ASN D 160 -15.17 19.67 -19.81
CA ASN D 160 -14.68 18.68 -18.85
C ASN D 160 -15.81 18.06 -18.06
N LYS D 161 -16.70 18.89 -17.54
CA LYS D 161 -17.79 18.42 -16.70
C LYS D 161 -18.72 17.50 -17.48
N GLU D 162 -18.82 17.75 -18.79
CA GLU D 162 -19.73 16.99 -19.65
C GLU D 162 -19.10 15.67 -20.11
N THR D 163 -17.81 15.69 -20.39
CA THR D 163 -17.16 14.59 -21.10
C THR D 163 -16.07 13.94 -20.24
N LYS D 164 -15.67 14.62 -19.18
CA LYS D 164 -14.70 14.08 -18.23
C LYS D 164 -13.25 14.08 -18.73
N VAL D 165 -13.00 14.61 -19.92
CA VAL D 165 -11.62 14.78 -20.37
C VAL D 165 -10.90 15.83 -19.53
N PRO D 166 -9.59 15.66 -19.35
CA PRO D 166 -8.81 16.61 -18.57
C PRO D 166 -8.47 17.85 -19.35
N ILE D 167 -7.91 18.85 -18.66
CA ILE D 167 -7.59 20.13 -19.27
C ILE D 167 -6.09 20.39 -19.16
N ILE D 168 -5.45 20.65 -20.30
CA ILE D 168 -4.10 21.18 -20.32
C ILE D 168 -4.13 22.69 -20.57
N THR D 169 -3.38 23.45 -19.78
CA THR D 169 -3.28 24.89 -20.03
C THR D 169 -1.91 25.30 -20.55
N HIS D 170 -1.91 26.40 -21.29
CA HIS D 170 -0.75 27.25 -21.47
C HIS D 170 -0.87 28.45 -20.55
N SER D 171 0.20 28.75 -19.80
CA SER D 171 0.22 29.97 -18.99
C SER D 171 1.54 30.72 -19.11
N ASN D 172 1.56 31.93 -18.56
CA ASN D 172 2.81 32.67 -18.38
C ASN D 172 3.27 32.58 -16.94
N ALA D 173 4.47 32.05 -16.74
CA ALA D 173 4.91 31.62 -15.41
C ALA D 173 5.15 32.80 -14.47
N HIS D 174 5.05 34.02 -15.00
CA HIS D 174 5.55 35.20 -14.28
C HIS D 174 4.44 36.14 -13.84
N ASN D 175 3.20 35.81 -14.14
CA ASN D 175 2.10 36.76 -13.97
C ASN D 175 0.79 36.21 -13.41
N ASN D 176 0.84 35.04 -12.78
CA ASN D 176 -0.28 34.53 -12.01
C ASN D 176 -1.40 33.92 -12.85
N THR D 177 -1.23 33.93 -14.17
CA THR D 177 -2.28 33.41 -15.05
C THR D 177 -2.55 31.92 -14.79
N GLY D 178 -1.51 31.18 -14.45
CA GLY D 178 -1.67 29.76 -14.09
C GLY D 178 -2.55 29.56 -12.87
N LEU D 179 -2.23 30.27 -11.80
CA LEU D 179 -3.07 30.26 -10.60
C LEU D 179 -4.51 30.65 -10.93
N GLU D 180 -4.66 31.65 -11.79
CA GLU D 180 -5.99 32.15 -12.15
C GLU D 180 -6.80 31.14 -12.96
N GLN D 181 -6.15 30.50 -13.93
CA GLN D 181 -6.77 29.40 -14.66
C GLN D 181 -7.29 28.34 -13.70
N GLN D 182 -6.47 27.96 -12.73
CA GLN D 182 -6.83 26.91 -11.78
C GLN D 182 -8.00 27.36 -10.90
N ARG D 183 -7.96 28.62 -10.47
CA ARG D 183 -9.04 29.16 -9.64
C ARG D 183 -10.37 29.11 -10.38
N ILE D 184 -10.42 29.67 -11.59
CA ILE D 184 -11.68 29.75 -12.33
C ILE D 184 -12.21 28.36 -12.64
N LEU D 185 -11.35 27.49 -13.16
CA LEU D 185 -11.75 26.12 -13.48
C LEU D 185 -12.31 25.38 -12.27
N THR D 186 -11.61 25.46 -11.13
CA THR D 186 -12.08 24.77 -9.93
C THR D 186 -13.33 25.44 -9.37
N GLU D 187 -13.41 26.76 -9.49
CA GLU D 187 -14.65 27.49 -9.18
C GLU D 187 -15.82 26.93 -9.96
N GLU D 188 -15.58 26.51 -11.19
CA GLU D 188 -16.64 26.04 -12.08
C GLU D 188 -16.88 24.54 -11.94
N GLY D 189 -16.15 23.91 -11.01
CA GLY D 189 -16.46 22.54 -10.60
C GLY D 189 -15.58 21.49 -11.25
N VAL D 190 -14.55 21.93 -11.96
CA VAL D 190 -13.51 21.02 -12.43
C VAL D 190 -12.67 20.50 -11.27
N ASP D 191 -12.54 19.18 -11.17
CA ASP D 191 -11.55 18.54 -10.31
C ASP D 191 -10.13 19.05 -10.61
N PRO D 192 -9.45 19.60 -9.59
CA PRO D 192 -8.12 20.17 -9.80
C PRO D 192 -7.11 19.15 -10.32
N GLY D 193 -7.35 17.87 -10.05
CA GLY D 193 -6.47 16.81 -10.51
C GLY D 193 -6.65 16.44 -11.97
N LYS D 194 -7.63 17.06 -12.63
CA LYS D 194 -7.80 16.92 -14.07
C LYS D 194 -7.29 18.16 -14.81
N ILE D 195 -6.45 18.94 -14.14
CA ILE D 195 -5.84 20.12 -14.75
C ILE D 195 -4.32 20.01 -14.71
N LEU D 196 -3.70 20.18 -15.88
CA LEU D 196 -2.27 20.45 -15.95
C LEU D 196 -2.03 21.93 -16.21
N ILE D 197 -1.45 22.63 -15.23
CA ILE D 197 -1.15 24.05 -15.40
C ILE D 197 0.21 24.23 -16.06
N GLY D 198 0.20 24.79 -17.26
CA GLY D 198 1.33 24.65 -18.18
C GLY D 198 2.43 25.69 -17.97
N HIS D 199 3.66 25.29 -18.25
CA HIS D 199 4.77 26.23 -18.49
C HIS D 199 5.30 26.81 -17.18
N LEU D 200 4.98 26.16 -16.07
CA LEU D 200 5.47 26.57 -14.76
C LEU D 200 6.97 26.33 -14.62
N GLY D 201 7.51 25.50 -15.51
CA GLY D 201 8.96 25.30 -15.58
C GLY D 201 9.73 26.53 -16.02
N ASP D 202 9.00 27.51 -16.55
CA ASP D 202 9.62 28.73 -17.07
C ASP D 202 10.14 29.62 -15.95
N THR D 203 9.79 29.28 -14.71
CA THR D 203 10.24 30.07 -13.57
C THR D 203 10.98 29.20 -12.54
N ASP D 204 11.87 29.82 -11.78
CA ASP D 204 12.50 29.15 -10.65
C ASP D 204 11.89 29.61 -9.33
N ASN D 205 10.80 30.37 -9.42
CA ASN D 205 9.97 30.66 -8.26
C ASN D 205 9.23 29.42 -7.75
N ILE D 206 9.89 28.62 -6.92
CA ILE D 206 9.33 27.35 -6.48
C ILE D 206 8.08 27.51 -5.63
N ASP D 207 7.97 28.65 -4.95
CA ASP D 207 6.85 28.87 -4.04
C ASP D 207 5.54 29.05 -4.80
N TYR D 208 5.61 29.73 -5.93
CA TYR D 208 4.47 29.85 -6.84
C TYR D 208 4.07 28.50 -7.40
N ILE D 209 5.04 27.76 -7.92
CA ILE D 209 4.79 26.43 -8.46
C ILE D 209 4.15 25.51 -7.41
N LYS D 210 4.72 25.50 -6.21
CA LYS D 210 4.20 24.67 -5.13
C LYS D 210 2.76 25.03 -4.80
N LYS D 211 2.45 26.33 -4.80
CA LYS D 211 1.11 26.79 -4.47
C LYS D 211 0.07 26.16 -5.38
N ILE D 212 0.38 26.07 -6.67
CA ILE D 212 -0.54 25.49 -7.64
C ILE D 212 -0.67 23.98 -7.43
N ALA D 213 0.43 23.32 -7.12
CA ALA D 213 0.41 21.89 -6.83
C ALA D 213 -0.36 21.60 -5.54
N ASP D 214 -0.17 22.44 -4.54
CA ASP D 214 -0.87 22.29 -3.27
C ASP D 214 -2.38 22.38 -3.47
N LYS D 215 -2.80 23.19 -4.44
CA LYS D 215 -4.21 23.37 -4.73
C LYS D 215 -4.75 22.24 -5.60
N GLY D 216 -3.86 21.34 -6.03
CA GLY D 216 -4.26 19.99 -6.39
C GLY D 216 -4.05 19.65 -7.85
N SER D 217 -3.43 20.56 -8.60
CA SER D 217 -3.28 20.37 -10.05
C SER D 217 -1.87 19.90 -10.40
N PHE D 218 -1.73 19.24 -11.55
CA PHE D 218 -0.41 18.93 -12.07
C PHE D 218 0.31 20.20 -12.50
N ILE D 219 1.63 20.19 -12.39
CA ILE D 219 2.45 21.35 -12.73
C ILE D 219 3.35 21.04 -13.91
N GLY D 220 3.29 21.88 -14.94
CA GLY D 220 3.96 21.62 -16.20
C GLY D 220 5.38 22.14 -16.19
N LEU D 221 6.32 21.24 -15.91
CA LEU D 221 7.73 21.55 -16.10
C LEU D 221 8.15 21.15 -17.51
N ASP D 222 7.68 21.91 -18.50
CA ASP D 222 7.26 21.31 -19.77
C ASP D 222 7.88 21.99 -20.99
N ARG D 223 8.94 22.77 -20.78
CA ARG D 223 9.60 23.45 -21.88
C ARG D 223 11.12 23.25 -21.85
N TYR D 224 11.55 22.08 -21.40
CA TYR D 224 12.98 21.76 -21.39
C TYR D 224 13.60 21.99 -22.77
N GLY D 225 14.65 22.83 -22.79
CA GLY D 225 15.35 23.15 -24.03
C GLY D 225 15.08 24.57 -24.51
N LEU D 226 13.99 25.17 -24.02
CA LEU D 226 13.66 26.54 -24.40
C LEU D 226 14.34 27.53 -23.45
N ASP D 227 15.64 27.75 -23.68
CA ASP D 227 16.48 28.47 -22.74
C ASP D 227 16.04 29.93 -22.62
N LEU D 228 15.47 30.45 -23.70
CA LEU D 228 15.01 31.84 -23.72
C LEU D 228 13.93 32.09 -22.66
N PHE D 229 13.25 31.03 -22.24
CA PHE D 229 12.29 31.12 -21.15
C PHE D 229 12.94 30.80 -19.81
N LEU D 230 13.66 29.68 -19.76
CA LEU D 230 14.60 29.42 -18.68
C LEU D 230 15.58 28.32 -19.10
N PRO D 231 16.87 28.51 -18.82
CA PRO D 231 17.88 27.58 -19.30
C PRO D 231 17.73 26.20 -18.64
N VAL D 232 18.35 25.19 -19.24
CA VAL D 232 18.17 23.81 -18.81
C VAL D 232 18.65 23.60 -17.38
N ASP D 233 19.75 24.23 -17.01
CA ASP D 233 20.35 23.99 -15.70
C ASP D 233 19.46 24.52 -14.57
N LYS D 234 18.87 25.69 -14.77
CA LYS D 234 17.94 26.25 -13.80
C LYS D 234 16.64 25.44 -13.71
N ARG D 235 16.18 24.93 -14.84
CA ARG D 235 15.03 24.05 -14.85
C ARG D 235 15.31 22.79 -14.04
N ASN D 236 16.45 22.16 -14.32
CA ASN D 236 16.86 20.95 -13.61
C ASN D 236 16.94 21.15 -12.09
N GLU D 237 17.51 22.28 -11.67
CA GLU D 237 17.63 22.59 -10.26
C GLU D 237 16.25 22.70 -9.61
N THR D 238 15.35 23.40 -10.30
CA THR D 238 13.98 23.56 -9.84
C THR D 238 13.24 22.21 -9.74
N THR D 239 13.36 21.42 -10.81
CA THR D 239 12.75 20.11 -10.87
C THR D 239 13.23 19.20 -9.74
N LEU D 240 14.55 19.14 -9.55
CA LEU D 240 15.13 18.32 -8.51
C LEU D 240 14.66 18.79 -7.13
N ARG D 241 14.68 20.09 -6.91
CA ARG D 241 14.21 20.68 -5.67
C ARG D 241 12.77 20.25 -5.38
N LEU D 242 11.91 20.35 -6.39
CA LEU D 242 10.51 20.01 -6.23
C LEU D 242 10.32 18.54 -5.86
N ILE D 243 11.06 17.66 -6.53
CA ILE D 243 11.02 16.24 -6.20
C ILE D 243 11.45 15.99 -4.76
N LYS D 244 12.54 16.63 -4.35
CA LYS D 244 13.08 16.42 -3.01
C LYS D 244 12.11 16.93 -1.94
N ASP D 245 11.31 17.93 -2.30
CA ASP D 245 10.36 18.51 -1.37
C ASP D 245 9.03 17.77 -1.39
N GLY D 246 8.95 16.74 -2.23
CA GLY D 246 7.85 15.77 -2.16
C GLY D 246 6.75 16.00 -3.19
N TYR D 247 7.10 16.62 -4.32
CA TYR D 247 6.07 17.06 -5.26
C TYR D 247 5.99 16.19 -6.52
N SER D 248 6.69 15.07 -6.52
CA SER D 248 6.84 14.28 -7.74
C SER D 248 5.49 13.76 -8.26
N ASP D 249 4.52 13.59 -7.37
CA ASP D 249 3.21 13.10 -7.79
C ASP D 249 2.34 14.18 -8.44
N LYS D 250 2.89 15.39 -8.58
CA LYS D 250 2.20 16.48 -9.29
C LYS D 250 2.98 16.94 -10.52
N ILE D 251 4.21 16.45 -10.65
CA ILE D 251 5.12 16.95 -11.67
C ILE D 251 4.90 16.25 -13.01
N MET D 252 4.77 17.02 -14.06
CA MET D 252 4.93 16.49 -15.41
C MET D 252 5.99 17.22 -16.20
N ILE D 253 6.71 16.48 -17.04
CA ILE D 253 7.92 16.98 -17.69
C ILE D 253 7.81 16.76 -19.19
N SER D 254 8.11 17.80 -19.97
CA SER D 254 8.12 17.70 -21.43
C SER D 254 9.01 18.78 -22.04
N HIS D 255 9.01 18.86 -23.36
CA HIS D 255 9.85 19.83 -24.06
C HIS D 255 9.05 20.97 -24.68
N ASP D 256 7.76 20.75 -24.88
CA ASP D 256 6.97 21.65 -25.72
C ASP D 256 7.60 21.78 -27.09
N TYR D 257 8.26 20.71 -27.55
CA TYR D 257 9.03 20.80 -28.79
C TYR D 257 8.09 20.88 -29.98
N CYS D 258 8.45 21.75 -30.94
CA CYS D 258 7.70 21.83 -32.20
C CYS D 258 8.56 21.31 -33.34
N CYS D 259 8.17 20.18 -33.90
CA CYS D 259 8.98 19.54 -34.92
C CYS D 259 9.10 20.44 -36.16
N THR D 260 8.04 21.21 -36.43
CA THR D 260 8.16 22.46 -37.16
C THR D 260 7.30 23.54 -36.52
N ILE D 261 7.79 24.78 -36.54
CA ILE D 261 6.96 25.93 -36.17
C ILE D 261 7.30 27.13 -37.02
N ASP D 262 6.29 27.95 -37.33
CA ASP D 262 6.39 28.88 -38.45
C ASP D 262 6.75 30.31 -38.03
N ILE D 263 6.87 30.54 -36.73
CA ILE D 263 7.14 31.89 -36.23
C ILE D 263 8.59 32.32 -36.52
N GLY D 264 8.77 33.61 -36.78
CA GLY D 264 10.09 34.12 -37.17
C GLY D 264 11.12 33.95 -36.09
N THR D 265 10.66 33.84 -34.85
CA THR D 265 11.55 33.61 -33.72
C THR D 265 12.30 32.29 -33.85
N ALA D 266 11.74 31.36 -34.63
CA ALA D 266 12.28 30.01 -34.73
C ALA D 266 13.17 29.83 -35.95
N LYS D 267 13.47 30.93 -36.63
CA LYS D 267 14.52 30.92 -37.65
C LYS D 267 15.80 30.27 -37.14
N PRO D 268 16.45 29.45 -37.99
CA PRO D 268 17.58 28.62 -37.56
C PRO D 268 18.71 29.44 -36.94
N GLU D 269 18.87 30.68 -37.41
CA GLU D 269 19.96 31.54 -36.94
C GLU D 269 19.78 31.95 -35.47
N TYR D 270 18.55 31.85 -34.98
CA TYR D 270 18.27 32.25 -33.59
C TYR D 270 18.40 31.07 -32.63
N LYS D 271 18.50 29.87 -33.18
CA LYS D 271 18.40 28.65 -32.37
C LYS D 271 19.52 28.56 -31.34
N PRO D 272 20.77 28.84 -31.76
CA PRO D 272 21.91 28.68 -30.86
C PRO D 272 21.80 29.55 -29.62
N LYS D 273 21.25 30.75 -29.77
CA LYS D 273 21.04 31.63 -28.62
C LYS D 273 19.80 31.23 -27.81
N LEU D 274 18.72 30.89 -28.51
CA LEU D 274 17.39 30.83 -27.87
C LEU D 274 17.06 29.44 -27.33
N ALA D 275 17.52 28.41 -28.02
CA ALA D 275 17.08 27.04 -27.74
C ALA D 275 18.02 26.01 -28.35
N PRO D 276 19.32 26.08 -27.99
CA PRO D 276 20.37 25.33 -28.68
C PRO D 276 20.16 23.81 -28.66
N ARG D 277 19.69 23.28 -27.53
CA ARG D 277 19.59 21.83 -27.37
C ARG D 277 18.14 21.33 -27.40
N TRP D 278 17.24 22.23 -27.77
CA TRP D 278 15.81 21.95 -27.83
C TRP D 278 15.52 20.86 -28.83
N SER D 279 14.91 19.77 -28.36
CA SER D 279 14.35 18.74 -29.23
C SER D 279 13.39 17.86 -28.44
N ILE D 280 12.82 16.86 -29.10
CA ILE D 280 11.85 15.98 -28.45
C ILE D 280 12.51 14.92 -27.57
N THR D 281 13.85 14.92 -27.51
CA THR D 281 14.54 13.93 -26.68
C THR D 281 15.57 14.52 -25.72
N LEU D 282 15.54 15.84 -25.53
CA LEU D 282 16.52 16.48 -24.67
C LEU D 282 16.55 15.85 -23.27
N ILE D 283 15.37 15.55 -22.72
CA ILE D 283 15.30 15.06 -21.33
C ILE D 283 15.97 13.70 -21.17
N PHE D 284 16.07 12.94 -22.26
CA PHE D 284 16.76 11.66 -22.22
C PHE D 284 18.27 11.83 -22.27
N GLU D 285 18.71 12.96 -22.82
CA GLU D 285 20.12 13.23 -22.99
C GLU D 285 20.66 13.96 -21.76
N ASP D 286 19.77 14.66 -21.07
CA ASP D 286 20.19 15.61 -20.04
C ASP D 286 19.41 15.42 -18.74
N THR D 287 18.12 15.73 -18.78
CA THR D 287 17.33 15.92 -17.56
C THR D 287 17.27 14.64 -16.72
N ILE D 288 16.91 13.52 -17.35
CA ILE D 288 16.67 12.29 -16.59
C ILE D 288 17.96 11.70 -16.02
N PRO D 289 19.04 11.69 -16.83
CA PRO D 289 20.36 11.33 -16.27
C PRO D 289 20.77 12.23 -15.11
N PHE D 290 20.50 13.53 -15.21
CA PHE D 290 20.79 14.46 -14.12
C PHE D 290 20.03 14.10 -12.85
N LEU D 291 18.73 13.83 -13.00
CA LEU D 291 17.89 13.49 -11.85
C LEU D 291 18.36 12.20 -11.20
N LYS D 292 18.64 11.19 -12.03
CA LYS D 292 18.98 9.87 -11.52
C LYS D 292 20.34 9.87 -10.81
N ARG D 293 21.26 10.72 -11.24
CA ARG D 293 22.56 10.82 -10.58
C ARG D 293 22.53 11.75 -9.38
N ASN D 294 21.34 12.30 -9.10
CA ASN D 294 21.13 13.10 -7.90
C ASN D 294 20.04 12.53 -7.01
N GLY D 295 19.90 11.21 -7.02
CA GLY D 295 19.21 10.50 -5.96
C GLY D 295 17.74 10.28 -6.25
N VAL D 296 17.31 10.59 -7.47
CA VAL D 296 15.97 10.26 -7.92
C VAL D 296 15.92 8.85 -8.52
N ASN D 297 15.21 7.94 -7.85
CA ASN D 297 15.16 6.54 -8.27
C ASN D 297 14.14 6.28 -9.38
N GLU D 298 14.14 5.05 -9.89
CA GLU D 298 13.35 4.70 -11.07
C GLU D 298 11.86 4.79 -10.79
N GLU D 299 11.50 4.65 -9.52
CA GLU D 299 10.10 4.73 -9.10
C GLU D 299 9.54 6.14 -9.28
N VAL D 300 10.35 7.13 -8.92
CA VAL D 300 9.99 8.53 -9.14
C VAL D 300 9.94 8.88 -10.63
N ILE D 301 10.92 8.41 -11.39
CA ILE D 301 10.90 8.59 -12.83
C ILE D 301 9.63 8.00 -13.43
N ALA D 302 9.27 6.79 -13.01
CA ALA D 302 8.04 6.14 -13.46
C ALA D 302 6.80 6.92 -13.02
N THR D 303 6.84 7.50 -11.83
CA THR D 303 5.72 8.29 -11.36
C THR D 303 5.47 9.47 -12.29
N ILE D 304 6.53 10.18 -12.65
CA ILE D 304 6.40 11.40 -13.43
C ILE D 304 5.93 11.11 -14.85
N PHE D 305 6.51 10.07 -15.47
CA PHE D 305 6.34 9.84 -16.90
C PHE D 305 5.30 8.76 -17.22
N LYS D 306 4.89 8.02 -16.21
CA LYS D 306 3.90 6.94 -16.41
C LYS D 306 2.67 7.14 -15.53
N GLU D 307 2.87 7.20 -14.21
CA GLU D 307 1.75 7.23 -13.27
C GLU D 307 0.94 8.52 -13.37
N ASN D 308 1.62 9.64 -13.45
CA ASN D 308 0.94 10.93 -13.45
C ASN D 308 0.08 11.13 -14.71
N PRO D 309 0.65 10.86 -15.88
CA PRO D 309 -0.16 10.86 -17.10
C PRO D 309 -1.35 9.90 -17.01
N LYS D 310 -1.12 8.68 -16.53
CA LYS D 310 -2.20 7.75 -16.28
C LYS D 310 -3.30 8.39 -15.42
N LYS D 311 -2.91 8.92 -14.27
CA LYS D 311 -3.86 9.56 -13.35
C LYS D 311 -4.61 10.73 -14.00
N PHE D 312 -3.86 11.56 -14.72
CA PHE D 312 -4.42 12.69 -15.45
C PHE D 312 -5.57 12.26 -16.35
N PHE D 313 -5.40 11.12 -17.02
CA PHE D 313 -6.34 10.68 -18.04
C PHE D 313 -7.33 9.67 -17.48
N SER D 314 -7.38 9.54 -16.15
CA SER D 314 -8.22 8.54 -15.51
C SER D 314 -9.38 9.18 -14.75
#